data_9JIM
#
_entry.id   9JIM
#
_cell.length_a   1.00
_cell.length_b   1.00
_cell.length_c   1.00
_cell.angle_alpha   90.00
_cell.angle_beta   90.00
_cell.angle_gamma   90.00
#
_symmetry.space_group_name_H-M   'P 1'
#
loop_
_entity.id
_entity.type
_entity.pdbx_description
1 polymer 'Pro-secreted protein ORF2'
2 polymer 'C145 Fab light chain'
3 polymer 'C145 Fab heavy chain'
#
loop_
_entity_poly.entity_id
_entity_poly.type
_entity_poly.pdbx_seq_one_letter_code
_entity_poly.pdbx_strand_id
1 'polypeptide(L)'
;QLFYGRPQVSENGEPSVKLYTSVEAAQLDHGVTIPHDIDLGVSAITLQDFDNQHLQDRPTPSPAPARPITNWRSGDVVWV
TLPSAEYAQSQSAMGSHPAYWSEEATIINVATGQRAAVSSIKWDQVTLNGKALHKETHSGLVYYQLPLMGKINFWQQGTT
KAGYTYNYNTTDSDSLWVWWDGGSKAYLYISTYTTMLGAGPVNITGLGAVGPNPV
;
A,B
2 'polypeptide(L)'
;QSVLTQPPSVSAAPGQKVTISCSGSSSNIGNNYVSWYQQLPGTAPKLLIYDNNKRPSGIPDRFSGSKSGTSATLGITGLQ
TGDEADYYCGTWDSSLSPVVFGGGTRLTVL
;
L,D
3 'polypeptide(L)'
;QVQLVQSGAEVKKPGASVKVSCETSGYTFTSYNINWVRQATGQGLEWMGWMNPTDGNTDYAQKFQGRVSMTRDTSISTAY
MELSSLRSEDTAVYYCARGRGTTRFSLQNFPFDNAYYMDVWGKGTTVTVSS
;
H,C
#
# COMPACT_ATOMS: atom_id res chain seq x y z
N PRO A 65 -6.05 -2.74 -41.10
CA PRO A 65 -6.02 -1.59 -40.20
C PRO A 65 -6.12 -2.02 -38.74
N ALA A 66 -5.38 -1.33 -37.89
CA ALA A 66 -5.41 -1.59 -36.45
C ALA A 66 -4.94 -0.33 -35.73
N ARG A 67 -5.44 -0.14 -34.52
CA ARG A 67 -5.08 1.06 -33.77
C ARG A 67 -3.62 0.97 -33.36
N PRO A 68 -2.80 1.98 -33.67
CA PRO A 68 -1.37 1.89 -33.37
C PRO A 68 -1.07 1.97 -31.88
N ILE A 69 0.18 1.74 -31.51
CA ILE A 69 0.57 1.80 -30.10
C ILE A 69 0.63 3.24 -29.59
N THR A 70 0.72 4.22 -30.49
CA THR A 70 0.72 5.63 -30.11
C THR A 70 -0.70 6.19 -30.02
N ASN A 71 -1.70 5.33 -29.83
CA ASN A 71 -3.09 5.76 -29.76
C ASN A 71 -3.71 5.11 -28.53
N TRP A 72 -4.11 5.93 -27.56
CA TRP A 72 -4.67 5.45 -26.31
C TRP A 72 -6.01 6.11 -26.05
N ARG A 73 -6.91 5.36 -25.42
CA ARG A 73 -8.14 5.90 -24.88
C ARG A 73 -8.27 5.42 -23.43
N SER A 74 -9.08 6.15 -22.66
CA SER A 74 -9.31 5.78 -21.28
C SER A 74 -9.95 4.39 -21.21
N GLY A 75 -9.52 3.61 -20.24
CA GLY A 75 -9.99 2.25 -20.10
C GLY A 75 -9.12 1.22 -20.78
N ASP A 76 -8.12 1.64 -21.55
CA ASP A 76 -7.17 0.69 -22.11
C ASP A 76 -6.31 0.10 -20.99
N VAL A 77 -5.78 -1.10 -21.26
CA VAL A 77 -4.92 -1.79 -20.33
C VAL A 77 -3.51 -1.80 -20.92
N VAL A 78 -2.55 -1.32 -20.13
CA VAL A 78 -1.16 -1.22 -20.57
C VAL A 78 -0.33 -2.24 -19.82
N TRP A 79 0.44 -3.03 -20.58
CA TRP A 79 1.36 -4.01 -20.03
C TRP A 79 2.76 -3.51 -20.33
N VAL A 80 3.58 -3.32 -19.30
CA VAL A 80 4.92 -2.80 -19.45
C VAL A 80 5.91 -3.78 -18.84
N THR A 81 7.03 -3.99 -19.54
CA THR A 81 8.14 -4.78 -19.03
C THR A 81 9.35 -3.87 -18.91
N LEU A 82 10.07 -3.96 -17.80
CA LEU A 82 11.21 -3.10 -17.50
C LEU A 82 12.42 -3.97 -17.22
N PRO A 83 13.09 -4.49 -18.26
CA PRO A 83 14.25 -5.36 -18.02
C PRO A 83 15.41 -4.57 -17.44
N SER A 84 16.06 -5.16 -16.44
CA SER A 84 17.21 -4.55 -15.78
C SER A 84 16.87 -3.15 -15.27
N ALA A 85 15.84 -3.08 -14.44
CA ALA A 85 15.38 -1.81 -13.92
C ALA A 85 16.26 -1.32 -12.79
N GLU A 86 16.63 -0.05 -12.84
CA GLU A 86 17.44 0.58 -11.80
C GLU A 86 16.54 1.33 -10.83
N TYR A 87 16.96 1.36 -9.57
CA TYR A 87 16.21 2.07 -8.54
C TYR A 87 16.68 3.52 -8.48
N ALA A 88 15.79 4.45 -8.80
CA ALA A 88 16.08 5.86 -8.70
C ALA A 88 15.63 6.38 -7.33
N GLN A 89 16.52 7.11 -6.67
CA GLN A 89 16.25 7.59 -5.31
C GLN A 89 15.15 8.64 -5.27
N SER A 90 15.19 9.60 -6.18
CA SER A 90 14.17 10.65 -6.25
C SER A 90 13.96 11.03 -7.70
N GLN A 91 12.74 10.85 -8.19
CA GLN A 91 12.38 11.16 -9.56
C GLN A 91 11.79 12.56 -9.62
N SER A 92 12.32 13.39 -10.53
N SER A 92 12.32 13.39 -10.53
CA SER A 92 11.92 14.78 -10.59
CA SER A 92 11.92 14.78 -10.59
C SER A 92 10.44 14.93 -10.93
C SER A 92 10.44 14.93 -10.93
N ALA A 93 9.96 14.19 -11.92
CA ALA A 93 8.54 14.26 -12.28
C ALA A 93 7.73 13.23 -11.52
N MET A 94 7.97 13.17 -10.21
CA MET A 94 7.15 12.40 -9.28
C MET A 94 6.98 13.11 -7.95
N GLY A 95 7.47 14.34 -7.80
CA GLY A 95 7.54 14.95 -6.49
C GLY A 95 8.77 14.57 -5.70
N SER A 96 9.86 14.19 -6.38
CA SER A 96 11.07 13.70 -5.75
C SER A 96 10.78 12.46 -4.89
N HIS A 97 10.32 11.41 -5.56
CA HIS A 97 9.97 10.15 -4.94
C HIS A 97 10.65 9.02 -5.70
N PRO A 98 10.85 7.87 -5.06
CA PRO A 98 11.59 6.79 -5.70
C PRO A 98 10.86 6.25 -6.92
N ALA A 99 11.63 5.59 -7.79
CA ALA A 99 11.08 4.98 -8.99
C ALA A 99 12.01 3.90 -9.50
N TYR A 100 11.45 3.01 -10.30
CA TYR A 100 12.23 2.08 -11.11
C TYR A 100 12.19 2.52 -12.56
N TRP A 101 13.33 2.42 -13.24
CA TRP A 101 13.40 2.84 -14.63
C TRP A 101 14.24 1.86 -15.41
N SER A 102 13.90 1.68 -16.68
CA SER A 102 14.63 0.77 -17.56
C SER A 102 14.91 1.45 -18.89
N GLU A 103 16.07 1.15 -19.45
CA GLU A 103 16.46 1.70 -20.74
C GLU A 103 15.75 1.02 -21.90
N GLU A 104 15.45 -0.27 -21.77
CA GLU A 104 14.90 -1.04 -22.87
C GLU A 104 13.49 -1.52 -22.56
N ALA A 105 12.66 -0.65 -21.98
CA ALA A 105 11.30 -1.03 -21.61
C ALA A 105 10.45 -1.27 -22.85
N THR A 106 9.42 -2.09 -22.68
CA THR A 106 8.48 -2.42 -23.74
C THR A 106 7.07 -2.09 -23.26
N ILE A 107 6.26 -1.53 -24.16
CA ILE A 107 4.88 -1.15 -23.85
C ILE A 107 3.94 -1.95 -24.73
N ILE A 108 2.87 -2.46 -24.14
CA ILE A 108 1.89 -3.30 -24.84
C ILE A 108 0.49 -2.79 -24.52
N ASN A 109 -0.34 -2.71 -25.55
CA ASN A 109 -1.77 -2.43 -25.38
C ASN A 109 -2.50 -3.77 -25.41
N VAL A 110 -3.00 -4.19 -24.26
CA VAL A 110 -3.45 -5.58 -24.10
C VAL A 110 -4.66 -5.88 -24.96
N ALA A 111 -5.64 -4.98 -24.97
CA ALA A 111 -6.86 -5.23 -25.73
C ALA A 111 -6.60 -5.31 -27.23
N THR A 112 -5.81 -4.37 -27.76
CA THR A 112 -5.56 -4.34 -29.20
C THR A 112 -4.48 -5.33 -29.61
N GLY A 113 -3.57 -5.67 -28.70
CA GLY A 113 -2.49 -6.58 -29.02
C GLY A 113 -1.28 -5.95 -29.67
N GLN A 114 -1.22 -4.63 -29.76
CA GLN A 114 -0.09 -3.95 -30.34
C GLN A 114 0.94 -3.65 -29.26
N ARG A 115 2.22 -3.73 -29.63
CA ARG A 115 3.31 -3.47 -28.70
C ARG A 115 4.48 -2.85 -29.44
N ALA A 116 5.30 -2.12 -28.70
CA ALA A 116 6.51 -1.52 -29.25
C ALA A 116 7.45 -1.18 -28.10
N ALA A 117 8.72 -1.02 -28.45
CA ALA A 117 9.70 -0.59 -27.48
C ALA A 117 9.46 0.87 -27.10
N VAL A 118 9.68 1.18 -25.82
CA VAL A 118 9.47 2.54 -25.34
C VAL A 118 10.46 3.50 -26.00
N SER A 119 11.68 3.05 -26.24
CA SER A 119 12.72 3.87 -26.87
C SER A 119 12.48 4.09 -28.36
N SER A 120 11.51 3.41 -28.96
CA SER A 120 11.25 3.52 -30.40
C SER A 120 9.94 4.24 -30.68
N ILE A 121 9.44 5.05 -29.75
CA ILE A 121 8.17 5.74 -29.89
C ILE A 121 8.41 7.24 -29.86
N LYS A 122 7.86 7.94 -30.85
CA LYS A 122 7.88 9.39 -30.86
C LYS A 122 6.86 9.88 -29.85
N TRP A 123 7.31 10.21 -28.65
CA TRP A 123 6.40 10.51 -27.55
C TRP A 123 5.74 11.87 -27.67
N ASP A 124 6.17 12.72 -28.60
CA ASP A 124 5.41 13.94 -28.87
C ASP A 124 4.22 13.71 -29.77
N GLN A 125 4.08 12.51 -30.34
CA GLN A 125 2.96 12.16 -31.19
C GLN A 125 2.01 11.17 -30.53
N VAL A 126 2.28 10.75 -29.29
CA VAL A 126 1.39 9.85 -28.58
C VAL A 126 0.20 10.65 -28.05
N THR A 127 -1.01 10.18 -28.34
CA THR A 127 -2.22 10.90 -28.02
C THR A 127 -3.12 10.04 -27.15
N LEU A 128 -3.68 10.65 -26.11
CA LEU A 128 -4.69 10.02 -25.27
C LEU A 128 -6.02 10.68 -25.57
N ASN A 129 -6.99 9.88 -26.02
CA ASN A 129 -8.32 10.38 -26.39
C ASN A 129 -8.22 11.47 -27.45
N GLY A 130 -7.26 11.34 -28.36
CA GLY A 130 -7.05 12.30 -29.41
C GLY A 130 -6.29 13.54 -29.01
N LYS A 131 -5.81 13.62 -27.77
CA LYS A 131 -5.08 14.78 -27.27
C LYS A 131 -3.70 14.37 -26.82
N ALA A 132 -2.73 15.25 -27.02
CA ALA A 132 -1.34 14.94 -26.71
C ALA A 132 -1.15 14.74 -25.21
N LEU A 133 -0.18 13.91 -24.86
CA LEU A 133 0.11 13.62 -23.47
C LEU A 133 0.65 14.85 -22.75
N HIS A 134 0.39 14.91 -21.44
CA HIS A 134 0.91 16.00 -20.62
C HIS A 134 2.41 15.82 -20.44
N LYS A 135 3.15 16.92 -20.61
CA LYS A 135 4.60 16.89 -20.53
C LYS A 135 5.08 17.86 -19.45
N GLU A 136 6.18 17.47 -18.80
CA GLU A 136 6.80 18.30 -17.76
C GLU A 136 8.30 18.32 -18.00
N THR A 137 8.85 19.50 -18.21
CA THR A 137 10.27 19.66 -18.53
C THR A 137 11.12 19.96 -17.29
N HIS A 138 11.07 19.06 -16.30
CA HIS A 138 11.92 19.21 -15.13
C HIS A 138 13.40 19.19 -15.53
N SER A 139 14.15 20.14 -15.00
CA SER A 139 15.55 20.38 -15.41
C SER A 139 15.55 20.62 -16.91
N GLY A 140 16.52 20.09 -17.65
CA GLY A 140 16.50 20.17 -19.10
C GLY A 140 15.85 18.98 -19.77
N LEU A 141 15.18 18.12 -19.02
CA LEU A 141 14.67 16.85 -19.50
C LEU A 141 13.14 16.87 -19.51
N VAL A 142 12.55 16.38 -20.60
CA VAL A 142 11.11 16.39 -20.79
C VAL A 142 10.56 15.01 -20.43
N TYR A 143 9.57 14.99 -19.54
CA TYR A 143 8.92 13.76 -19.10
C TYR A 143 7.46 13.78 -19.53
N TYR A 144 7.01 12.71 -20.15
CA TYR A 144 5.65 12.61 -20.67
C TYR A 144 4.81 11.77 -19.72
N GLN A 145 3.62 12.26 -19.39
CA GLN A 145 2.75 11.60 -18.43
C GLN A 145 1.68 10.79 -19.15
N LEU A 146 1.57 9.51 -18.78
CA LEU A 146 0.46 8.68 -19.21
C LEU A 146 -0.38 8.38 -17.99
N PRO A 147 -1.50 9.06 -17.79
CA PRO A 147 -2.28 8.87 -16.55
C PRO A 147 -2.94 7.50 -16.48
N LEU A 148 -3.13 7.04 -15.25
CA LEU A 148 -3.76 5.77 -14.97
C LEU A 148 -4.92 5.95 -14.01
N MET A 149 -5.90 5.06 -14.12
CA MET A 149 -6.96 4.96 -13.12
C MET A 149 -6.59 3.84 -12.15
N GLY A 150 -6.49 4.20 -10.88
CA GLY A 150 -5.93 3.30 -9.91
C GLY A 150 -4.42 3.42 -9.85
N LYS A 151 -3.82 2.48 -9.14
CA LYS A 151 -2.38 2.46 -8.93
C LYS A 151 -1.71 1.58 -9.98
N ILE A 152 -0.43 1.84 -10.22
CA ILE A 152 0.35 1.01 -11.13
C ILE A 152 0.74 -0.27 -10.40
N ASN A 153 0.44 -1.41 -11.00
CA ASN A 153 0.70 -2.72 -10.42
C ASN A 153 1.96 -3.28 -11.05
N PHE A 154 3.05 -3.33 -10.28
CA PHE A 154 4.31 -3.83 -10.79
C PHE A 154 4.85 -4.92 -9.87
N TRP A 155 5.47 -5.93 -10.47
CA TRP A 155 6.01 -7.07 -9.76
C TRP A 155 7.26 -7.54 -10.48
N GLN A 156 8.06 -8.34 -9.78
CA GLN A 156 9.23 -8.92 -10.41
C GLN A 156 8.82 -9.88 -11.51
N GLN A 157 9.48 -9.76 -12.67
CA GLN A 157 9.13 -10.59 -13.81
C GLN A 157 9.35 -12.06 -13.49
N GLY A 158 8.35 -12.88 -13.76
CA GLY A 158 8.45 -14.31 -13.60
C GLY A 158 8.19 -14.82 -12.19
N THR A 159 8.15 -13.94 -11.20
CA THR A 159 7.94 -14.31 -9.81
C THR A 159 6.76 -13.54 -9.25
N THR A 160 6.11 -14.14 -8.26
CA THR A 160 4.98 -13.51 -7.58
C THR A 160 5.42 -12.71 -6.37
N LYS A 161 6.38 -11.80 -6.57
CA LYS A 161 6.84 -10.88 -5.53
C LYS A 161 6.51 -9.47 -6.02
N ALA A 162 5.52 -8.86 -5.42
CA ALA A 162 4.92 -7.65 -5.94
C ALA A 162 5.48 -6.41 -5.25
N GLY A 163 5.78 -5.39 -6.04
CA GLY A 163 6.15 -4.09 -5.52
C GLY A 163 4.93 -3.26 -5.22
N TYR A 164 5.10 -2.26 -4.38
CA TYR A 164 4.02 -1.33 -4.05
C TYR A 164 4.49 0.10 -4.26
N THR A 165 3.54 0.94 -4.64
CA THR A 165 3.84 2.31 -5.06
C THR A 165 4.14 3.19 -3.85
N TYR A 166 4.55 4.42 -4.12
CA TYR A 166 4.81 5.37 -3.04
C TYR A 166 3.54 5.70 -2.28
N ASN A 167 2.44 5.94 -3.00
CA ASN A 167 1.16 6.27 -2.37
C ASN A 167 0.34 5.00 -2.17
N TYR A 168 0.92 4.11 -1.37
CA TYR A 168 0.30 2.85 -1.01
C TYR A 168 -0.81 3.00 0.01
N ASN A 169 -0.95 4.17 0.63
CA ASN A 169 -2.00 4.43 1.61
C ASN A 169 -3.06 5.41 1.12
N THR A 170 -2.86 6.03 -0.03
CA THR A 170 -3.75 7.07 -0.50
C THR A 170 -4.64 6.54 -1.62
N THR A 171 -5.75 7.25 -1.85
CA THR A 171 -6.65 6.94 -2.94
C THR A 171 -6.24 7.61 -4.24
N ASP A 172 -4.96 7.97 -4.37
CA ASP A 172 -4.48 8.65 -5.56
C ASP A 172 -4.30 7.66 -6.70
N SER A 173 -4.15 8.21 -7.90
CA SER A 173 -3.90 7.43 -9.10
C SER A 173 -2.49 7.70 -9.60
N ASP A 174 -1.85 6.66 -10.13
CA ASP A 174 -0.48 6.74 -10.59
C ASP A 174 -0.44 7.14 -12.06
N SER A 175 0.77 7.14 -12.61
CA SER A 175 0.97 7.50 -14.01
C SER A 175 2.28 6.89 -14.49
N LEU A 176 2.38 6.73 -15.80
CA LEU A 176 3.58 6.24 -16.44
C LEU A 176 4.33 7.44 -17.02
N TRP A 177 5.46 7.78 -16.40
CA TRP A 177 6.26 8.91 -16.84
C TRP A 177 7.38 8.41 -17.75
N VAL A 178 7.55 9.08 -18.88
CA VAL A 178 8.53 8.70 -19.88
C VAL A 178 9.43 9.89 -20.15
N TRP A 179 10.74 9.71 -19.98
CA TRP A 179 11.70 10.65 -20.52
C TRP A 179 12.04 10.23 -21.94
N TRP A 180 11.99 11.19 -22.86
CA TRP A 180 12.31 10.94 -24.26
C TRP A 180 13.39 11.90 -24.72
N ASP A 181 14.43 11.34 -25.34
CA ASP A 181 15.60 12.13 -25.72
C ASP A 181 15.32 13.03 -26.92
N GLY A 182 14.27 12.73 -27.70
CA GLY A 182 14.00 13.35 -28.97
C GLY A 182 14.47 12.54 -30.14
N GLY A 183 15.46 11.67 -29.93
CA GLY A 183 15.86 10.71 -30.93
C GLY A 183 15.26 9.35 -30.63
N SER A 184 16.10 8.37 -30.30
CA SER A 184 15.63 7.05 -29.85
C SER A 184 16.37 6.70 -28.56
N LYS A 185 15.87 7.23 -27.44
CA LYS A 185 16.36 6.90 -26.10
C LYS A 185 15.25 7.28 -25.13
N ALA A 186 14.57 6.30 -24.56
CA ALA A 186 13.45 6.59 -23.69
C ALA A 186 13.55 5.75 -22.42
N TYR A 187 13.18 6.36 -21.30
CA TYR A 187 13.19 5.72 -19.99
C TYR A 187 11.75 5.63 -19.48
N LEU A 188 11.35 4.46 -19.02
CA LEU A 188 10.03 4.26 -18.45
C LEU A 188 10.14 4.24 -16.93
N TYR A 189 9.37 5.08 -16.27
CA TYR A 189 9.45 5.27 -14.83
C TYR A 189 8.20 4.70 -14.16
N ILE A 190 8.39 3.92 -13.10
CA ILE A 190 7.31 3.39 -12.29
C ILE A 190 7.52 3.83 -10.86
N SER A 191 6.52 4.48 -10.29
CA SER A 191 6.62 4.96 -8.90
C SER A 191 6.75 3.79 -7.95
N THR A 192 7.61 3.94 -6.96
CA THR A 192 7.82 2.93 -5.95
C THR A 192 8.09 3.62 -4.62
N TYR A 193 8.02 2.86 -3.53
CA TYR A 193 8.25 3.38 -2.19
C TYR A 193 9.66 3.14 -1.70
N THR A 194 10.18 1.93 -1.89
CA THR A 194 11.51 1.56 -1.45
C THR A 194 12.05 0.49 -2.38
N THR A 195 13.19 -0.08 -2.02
CA THR A 195 13.77 -1.19 -2.77
C THR A 195 13.15 -2.50 -2.30
N MET A 196 11.83 -2.58 -2.45
CA MET A 196 11.11 -3.78 -2.05
C MET A 196 11.37 -4.95 -2.99
N LEU A 197 11.74 -4.68 -4.25
CA LEU A 197 12.20 -5.71 -5.18
C LEU A 197 13.71 -5.72 -5.36
N GLY A 198 14.42 -4.74 -4.83
CA GLY A 198 15.87 -4.75 -4.92
C GLY A 198 16.48 -3.42 -5.32
N ALA A 199 17.80 -3.31 -5.18
CA ALA A 199 18.50 -2.11 -5.62
C ALA A 199 18.64 -2.04 -7.13
N GLY A 200 18.47 -3.16 -7.83
CA GLY A 200 18.58 -3.17 -9.27
C GLY A 200 19.98 -3.56 -9.72
N PRO A 201 20.13 -3.98 -10.98
CA PRO A 201 19.08 -4.14 -12.00
C PRO A 201 18.19 -5.35 -11.76
N VAL A 202 16.89 -5.22 -12.01
CA VAL A 202 15.93 -6.29 -11.76
C VAL A 202 14.83 -6.19 -12.81
N ASN A 203 14.46 -7.33 -13.38
CA ASN A 203 13.39 -7.38 -14.37
C ASN A 203 12.06 -7.17 -13.69
N ILE A 204 11.28 -6.22 -14.18
CA ILE A 204 10.02 -5.83 -13.55
C ILE A 204 8.94 -5.76 -14.62
N THR A 205 7.79 -6.35 -14.34
CA THR A 205 6.61 -6.26 -15.19
C THR A 205 5.55 -5.44 -14.50
N GLY A 206 4.95 -4.49 -15.22
CA GLY A 206 3.93 -3.63 -14.68
C GLY A 206 2.60 -3.80 -15.40
N LEU A 207 1.55 -3.29 -14.75
CA LEU A 207 0.20 -3.40 -15.28
C LEU A 207 -0.61 -2.20 -14.81
N GLY A 208 -1.38 -1.61 -15.72
CA GLY A 208 -2.20 -0.47 -15.35
C GLY A 208 -3.33 -0.26 -16.34
N ALA A 209 -4.29 0.53 -15.91
CA ALA A 209 -5.44 0.90 -16.72
C ALA A 209 -5.35 2.38 -17.07
N VAL A 210 -5.42 2.69 -18.37
CA VAL A 210 -5.23 4.05 -18.84
C VAL A 210 -6.34 4.94 -18.31
N GLY A 211 -5.96 6.09 -17.74
CA GLY A 211 -6.89 6.99 -17.12
C GLY A 211 -7.29 8.15 -18.00
N PRO A 212 -8.08 9.06 -17.46
CA PRO A 212 -8.56 10.19 -18.24
C PRO A 212 -7.51 11.28 -18.41
N ASN A 213 -7.80 12.19 -19.32
CA ASN A 213 -6.88 13.29 -19.61
C ASN A 213 -6.82 14.25 -18.41
N PRO A 214 -5.64 14.59 -17.92
CA PRO A 214 -5.56 15.55 -16.82
C PRO A 214 -5.86 16.96 -17.28
N VAL A 215 -7.02 17.48 -16.89
CA VAL A 215 -7.43 18.83 -17.30
C VAL A 215 -7.42 19.76 -16.10
N VAL B 3 28.28 -8.33 13.70
CA VAL B 3 26.92 -8.77 14.01
C VAL B 3 26.58 -10.02 13.21
N LEU B 4 26.79 -9.93 11.90
CA LEU B 4 26.51 -11.07 11.02
C LEU B 4 27.57 -12.13 11.22
N THR B 5 27.18 -13.28 11.77
CA THR B 5 28.14 -14.35 12.00
C THR B 5 28.47 -15.03 10.68
N GLN B 6 29.62 -15.71 10.65
CA GLN B 6 30.13 -16.30 9.43
C GLN B 6 31.23 -17.29 9.80
N PRO B 7 31.32 -18.44 9.14
CA PRO B 7 32.35 -19.41 9.49
C PRO B 7 33.73 -18.82 9.29
N PRO B 8 34.66 -19.07 10.22
CA PRO B 8 36.02 -18.55 10.02
C PRO B 8 36.71 -19.11 8.79
N SER B 9 36.46 -20.38 8.45
CA SER B 9 37.11 -20.99 7.31
C SER B 9 36.23 -22.09 6.73
N VAL B 10 36.46 -22.41 5.46
CA VAL B 10 35.70 -23.42 4.73
C VAL B 10 36.64 -24.08 3.73
N SER B 11 36.66 -25.41 3.72
CA SER B 11 37.50 -26.18 2.82
C SER B 11 36.65 -27.15 2.01
N ALA B 12 37.11 -27.45 0.80
CA ALA B 12 36.37 -28.34 -0.08
C ALA B 12 37.33 -28.97 -1.09
N ALA B 13 36.85 -30.04 -1.71
CA ALA B 13 37.61 -30.72 -2.75
C ALA B 13 37.72 -29.83 -3.98
N PRO B 14 38.73 -30.04 -4.83
CA PRO B 14 38.92 -29.16 -5.99
C PRO B 14 37.85 -29.29 -7.06
N GLY B 15 36.79 -30.06 -6.80
CA GLY B 15 35.69 -30.15 -7.75
C GLY B 15 34.34 -30.29 -7.09
N GLN B 16 34.26 -29.97 -5.81
CA GLN B 16 33.08 -30.25 -5.00
C GLN B 16 32.31 -28.97 -4.69
N LYS B 17 30.99 -29.08 -4.68
CA LYS B 17 30.15 -27.98 -4.25
C LYS B 17 30.34 -27.71 -2.76
N VAL B 18 30.43 -26.43 -2.41
CA VAL B 18 30.56 -26.03 -1.01
C VAL B 18 29.72 -24.78 -0.80
N THR B 19 29.28 -24.58 0.45
CA THR B 19 28.42 -23.48 0.81
C THR B 19 29.03 -22.66 1.94
N ILE B 20 28.76 -21.36 1.91
CA ILE B 20 29.17 -20.43 2.96
C ILE B 20 27.92 -19.71 3.44
N SER B 21 27.63 -19.81 4.73
CA SER B 21 26.37 -19.33 5.27
C SER B 21 26.61 -18.32 6.38
N CYS B 22 25.87 -17.21 6.31
CA CYS B 22 25.80 -16.23 7.38
C CYS B 22 24.54 -16.45 8.20
N SER B 23 24.39 -15.67 9.27
CA SER B 23 23.16 -15.67 10.05
C SER B 23 23.10 -14.38 10.84
N GLY B 24 22.02 -13.61 10.64
CA GLY B 24 21.83 -12.37 11.36
C GLY B 24 20.56 -12.37 12.18
N SER B 25 20.10 -11.19 12.56
CA SER B 25 18.88 -11.04 13.34
C SER B 25 17.74 -10.66 12.41
N SER B 26 16.57 -10.36 12.99
CA SER B 26 15.42 -9.97 12.18
C SER B 26 15.66 -8.63 11.49
N SER B 27 16.44 -7.74 12.11
CA SER B 27 16.69 -6.42 11.57
C SER B 27 17.86 -6.39 10.59
N ASN B 28 18.46 -7.55 10.31
CA ASN B 28 19.58 -7.65 9.40
C ASN B 28 19.22 -8.35 8.10
N ILE B 29 18.72 -9.57 8.19
CA ILE B 29 18.54 -10.43 7.03
C ILE B 29 17.07 -10.75 6.78
N GLY B 30 16.29 -10.94 7.84
CA GLY B 30 14.87 -11.15 7.67
C GLY B 30 14.11 -9.94 7.14
N ASN B 31 14.74 -8.77 7.14
CA ASN B 31 14.09 -7.56 6.66
C ASN B 31 14.72 -6.95 5.42
N ASN B 32 15.97 -7.28 5.09
CA ASN B 32 16.70 -6.58 4.05
C ASN B 32 17.40 -7.59 3.15
N TYR B 33 18.11 -7.07 2.15
CA TYR B 33 18.83 -7.87 1.16
C TYR B 33 20.30 -7.95 1.51
N VAL B 34 20.91 -9.09 1.23
CA VAL B 34 22.27 -9.40 1.66
C VAL B 34 23.13 -9.63 0.42
N SER B 35 24.17 -8.83 0.26
CA SER B 35 25.11 -8.94 -0.85
C SER B 35 26.36 -9.68 -0.40
N TRP B 36 27.06 -10.24 -1.38
CA TRP B 36 28.28 -10.99 -1.14
C TRP B 36 29.44 -10.36 -1.90
N TYR B 37 30.63 -10.42 -1.30
CA TYR B 37 31.83 -9.80 -1.85
C TYR B 37 32.98 -10.79 -1.82
N GLN B 38 33.76 -10.82 -2.88
CA GLN B 38 34.94 -11.68 -2.98
C GLN B 38 36.19 -10.82 -2.93
N GLN B 39 37.17 -11.23 -2.14
CA GLN B 39 38.43 -10.51 -2.02
C GLN B 39 39.58 -11.49 -2.13
N LEU B 40 40.23 -11.50 -3.30
CA LEU B 40 41.44 -12.29 -3.46
C LEU B 40 42.55 -11.69 -2.59
N PRO B 41 43.49 -12.51 -2.13
CA PRO B 41 44.58 -11.99 -1.31
C PRO B 41 45.40 -10.95 -2.08
N GLY B 42 45.50 -9.76 -1.50
CA GLY B 42 46.21 -8.67 -2.14
C GLY B 42 45.42 -7.89 -3.17
N THR B 43 44.10 -8.00 -3.16
CA THR B 43 43.24 -7.30 -4.10
C THR B 43 42.08 -6.65 -3.36
N ALA B 44 41.47 -5.66 -4.00
CA ALA B 44 40.30 -5.02 -3.44
C ALA B 44 39.10 -5.98 -3.52
N PRO B 45 38.12 -5.83 -2.63
CA PRO B 45 36.93 -6.69 -2.71
C PRO B 45 36.15 -6.44 -3.98
N LYS B 46 35.52 -7.51 -4.47
CA LYS B 46 34.76 -7.47 -5.71
C LYS B 46 33.34 -7.95 -5.45
N LEU B 47 32.37 -7.24 -6.03
CA LEU B 47 30.98 -7.62 -5.86
C LEU B 47 30.74 -8.99 -6.48
N LEU B 48 30.21 -9.91 -5.69
CA LEU B 48 29.96 -11.29 -6.10
C LEU B 48 28.48 -11.57 -6.33
N ILE B 49 27.64 -11.23 -5.36
CA ILE B 49 26.20 -11.39 -5.47
C ILE B 49 25.54 -10.13 -4.92
N TYR B 50 24.60 -9.59 -5.69
CA TYR B 50 23.81 -8.45 -5.23
C TYR B 50 22.36 -8.88 -5.07
N ASP B 51 21.57 -8.00 -4.45
CA ASP B 51 20.26 -8.39 -3.92
C ASP B 51 20.45 -9.63 -3.07
N ASN B 52 19.67 -10.68 -3.30
CA ASN B 52 19.90 -11.95 -2.61
C ASN B 52 20.52 -13.02 -3.49
N ASN B 53 20.12 -13.12 -4.76
CA ASN B 53 20.61 -14.19 -5.61
C ASN B 53 20.97 -13.70 -7.01
N LYS B 54 21.34 -12.43 -7.16
CA LYS B 54 21.61 -11.86 -8.48
C LYS B 54 23.10 -11.69 -8.66
N ARG B 55 23.59 -12.04 -9.84
CA ARG B 55 24.98 -12.06 -10.25
C ARG B 55 25.30 -10.88 -11.15
N PRO B 56 26.35 -10.13 -10.83
CA PRO B 56 26.80 -9.08 -11.74
C PRO B 56 27.35 -9.66 -13.03
N SER B 57 27.46 -8.81 -14.04
CA SER B 57 28.02 -9.22 -15.32
C SER B 57 29.50 -9.52 -15.16
N GLY B 58 29.90 -10.74 -15.50
CA GLY B 58 31.27 -11.20 -15.35
C GLY B 58 31.42 -12.31 -14.34
N ILE B 59 30.57 -12.35 -13.32
CA ILE B 59 30.65 -13.40 -12.31
C ILE B 59 30.12 -14.69 -12.92
N PRO B 60 30.91 -15.77 -12.90
CA PRO B 60 30.46 -17.02 -13.52
C PRO B 60 29.27 -17.62 -12.81
N ASP B 61 28.48 -18.38 -13.57
CA ASP B 61 27.22 -18.92 -13.09
C ASP B 61 27.38 -19.95 -11.99
N ARG B 62 28.60 -20.44 -11.73
CA ARG B 62 28.79 -21.40 -10.66
C ARG B 62 28.53 -20.78 -9.29
N PHE B 63 28.62 -19.45 -9.19
CA PHE B 63 28.30 -18.76 -7.95
C PHE B 63 26.81 -18.52 -7.83
N SER B 64 26.28 -18.69 -6.62
CA SER B 64 24.86 -18.50 -6.37
C SER B 64 24.67 -18.14 -4.91
N GLY B 65 23.48 -17.63 -4.60
CA GLY B 65 23.14 -17.26 -3.24
C GLY B 65 21.65 -17.43 -3.02
N SER B 66 21.26 -17.41 -1.74
CA SER B 66 19.86 -17.55 -1.38
C SER B 66 19.66 -17.08 0.05
N LYS B 67 18.53 -16.41 0.28
CA LYS B 67 18.12 -15.95 1.60
C LYS B 67 16.85 -16.69 1.98
N SER B 68 16.88 -17.36 3.13
CA SER B 68 15.76 -18.19 3.57
C SER B 68 15.06 -17.59 4.79
N GLY B 69 15.78 -17.39 5.88
CA GLY B 69 15.21 -16.76 7.05
C GLY B 69 16.05 -15.60 7.50
N THR B 70 16.53 -15.62 8.74
CA THR B 70 17.54 -14.68 9.20
C THR B 70 18.95 -15.13 8.85
N SER B 71 19.09 -16.16 8.03
CA SER B 71 20.37 -16.67 7.60
C SER B 71 20.40 -16.78 6.08
N ALA B 72 21.52 -16.37 5.48
CA ALA B 72 21.71 -16.43 4.05
C ALA B 72 23.00 -17.17 3.74
N THR B 73 23.04 -17.81 2.58
CA THR B 73 24.15 -18.68 2.22
C THR B 73 24.70 -18.30 0.85
N LEU B 74 25.98 -18.63 0.64
CA LEU B 74 26.65 -18.46 -0.63
C LEU B 74 27.02 -19.83 -1.17
N GLY B 75 26.67 -20.09 -2.42
CA GLY B 75 26.92 -21.40 -3.00
C GLY B 75 27.87 -21.38 -4.17
N ILE B 76 28.53 -22.52 -4.42
CA ILE B 76 29.38 -22.71 -5.58
C ILE B 76 29.03 -24.04 -6.22
N THR B 77 29.14 -24.09 -7.56
CA THR B 77 28.87 -25.30 -8.31
C THR B 77 30.12 -26.16 -8.47
N GLY B 78 31.25 -25.54 -8.82
CA GLY B 78 32.50 -26.26 -8.90
C GLY B 78 33.66 -25.39 -8.48
N LEU B 79 34.57 -25.94 -7.69
CA LEU B 79 35.71 -25.18 -7.20
C LEU B 79 36.82 -25.20 -8.23
N GLN B 80 37.57 -24.10 -8.30
CA GLN B 80 38.70 -23.98 -9.20
C GLN B 80 39.86 -23.39 -8.42
N THR B 81 41.00 -23.21 -9.09
CA THR B 81 42.18 -22.65 -8.44
C THR B 81 41.94 -21.19 -8.04
N GLY B 82 41.26 -20.44 -8.90
CA GLY B 82 41.05 -19.02 -8.67
C GLY B 82 40.01 -18.67 -7.62
N ASP B 83 39.36 -19.67 -7.03
CA ASP B 83 38.35 -19.44 -6.02
C ASP B 83 38.93 -19.21 -4.63
N GLU B 84 40.24 -19.42 -4.45
CA GLU B 84 40.86 -19.29 -3.14
C GLU B 84 40.90 -17.81 -2.78
N ALA B 85 39.90 -17.35 -2.04
CA ALA B 85 39.79 -15.95 -1.67
C ALA B 85 39.07 -15.85 -0.33
N ASP B 86 38.64 -14.63 0.00
CA ASP B 86 37.88 -14.36 1.21
C ASP B 86 36.53 -13.80 0.82
N TYR B 87 35.47 -14.31 1.45
CA TYR B 87 34.11 -13.94 1.10
C TYR B 87 33.44 -13.27 2.30
N TYR B 88 32.65 -12.24 2.01
CA TYR B 88 32.07 -11.39 3.05
C TYR B 88 30.57 -11.24 2.82
N CYS B 89 29.85 -11.13 3.92
CA CYS B 89 28.43 -10.79 3.90
C CYS B 89 28.25 -9.27 3.99
N GLY B 90 27.16 -8.79 3.44
CA GLY B 90 26.82 -7.39 3.56
C GLY B 90 25.33 -7.16 3.45
N THR B 91 24.73 -6.52 4.45
CA THR B 91 23.30 -6.29 4.45
C THR B 91 23.01 -4.95 5.10
N TRP B 92 21.73 -4.62 5.21
CA TRP B 92 21.27 -3.38 5.82
C TRP B 92 20.85 -3.65 7.27
N ASP B 93 21.38 -2.84 8.17
CA ASP B 93 20.95 -2.85 9.57
C ASP B 93 20.11 -1.60 9.82
N SER B 94 18.82 -1.79 10.07
CA SER B 94 17.97 -0.66 10.40
C SER B 94 18.23 -0.12 11.79
N SER B 95 19.00 -0.84 12.61
CA SER B 95 19.30 -0.40 13.96
C SER B 95 20.74 0.04 14.18
N LEU B 96 21.67 -0.41 13.33
CA LEU B 96 23.08 -0.08 13.51
C LEU B 96 23.63 0.77 12.40
N SER B 97 23.54 0.33 11.14
CA SER B 97 24.18 1.02 10.03
C SER B 97 23.67 0.45 8.72
N PRO B 98 23.57 1.27 7.67
CA PRO B 98 23.07 0.75 6.39
C PRO B 98 23.98 -0.29 5.76
N VAL B 99 25.26 -0.33 6.11
CA VAL B 99 26.21 -1.28 5.55
C VAL B 99 26.92 -1.98 6.70
N VAL B 100 26.59 -3.24 6.92
CA VAL B 100 27.27 -4.06 7.93
C VAL B 100 27.85 -5.28 7.23
N PHE B 101 28.97 -5.77 7.76
CA PHE B 101 29.69 -6.88 7.18
C PHE B 101 29.77 -8.02 8.17
N GLY B 102 30.18 -9.19 7.67
CA GLY B 102 30.48 -10.33 8.50
C GLY B 102 31.97 -10.40 8.82
N GLY B 103 32.34 -11.49 9.49
CA GLY B 103 33.74 -11.68 9.82
C GLY B 103 34.60 -12.12 8.66
N GLY B 104 33.99 -12.63 7.60
CA GLY B 104 34.73 -13.18 6.49
C GLY B 104 34.95 -14.67 6.63
N THR B 105 35.35 -15.29 5.52
CA THR B 105 35.61 -16.72 5.49
C THR B 105 36.67 -17.01 4.44
N ARG B 106 37.65 -17.82 4.80
CA ARG B 106 38.71 -18.23 3.89
C ARG B 106 38.32 -19.54 3.24
N LEU B 107 38.24 -19.54 1.92
CA LEU B 107 37.89 -20.74 1.16
C LEU B 107 39.18 -21.36 0.65
N THR B 108 39.59 -22.46 1.28
CA THR B 108 40.84 -23.13 0.94
C THR B 108 40.54 -24.40 0.16
N VAL B 109 41.60 -25.15 -0.14
CA VAL B 109 41.49 -26.41 -0.86
C VAL B 109 42.02 -27.53 0.03
N LEU B 110 41.42 -28.70 -0.14
CA LEU B 110 41.81 -29.87 0.64
C LEU B 110 42.69 -30.80 -0.18
N GLN C 1 35.46 2.29 -19.00
CA GLN C 1 34.44 1.95 -18.02
C GLN C 1 34.57 2.85 -16.80
N VAL C 2 33.76 2.59 -15.78
CA VAL C 2 33.80 3.38 -14.55
C VAL C 2 34.98 2.93 -13.71
N GLN C 3 35.68 3.89 -13.11
CA GLN C 3 36.87 3.61 -12.33
C GLN C 3 36.87 4.45 -11.07
N LEU C 4 37.64 4.01 -10.08
CA LEU C 4 37.83 4.73 -8.83
C LEU C 4 39.32 4.72 -8.51
N VAL C 5 40.00 5.79 -8.87
CA VAL C 5 41.45 5.90 -8.69
C VAL C 5 41.71 6.66 -7.41
N GLN C 6 42.42 6.02 -6.47
CA GLN C 6 42.71 6.60 -5.18
C GLN C 6 44.12 7.15 -5.16
N SER C 7 44.56 7.62 -4.00
CA SER C 7 45.88 8.18 -3.82
C SER C 7 46.87 7.08 -3.42
N GLY C 8 48.12 7.47 -3.22
CA GLY C 8 49.16 6.54 -2.82
C GLY C 8 49.18 6.29 -1.33
N ALA C 9 50.10 5.42 -0.92
CA ALA C 9 50.23 5.06 0.48
C ALA C 9 50.68 6.25 1.30
N GLU C 10 50.25 6.27 2.57
CA GLU C 10 50.55 7.38 3.47
C GLU C 10 51.16 6.84 4.76
N VAL C 11 52.19 7.53 5.24
CA VAL C 11 52.83 7.23 6.52
C VAL C 11 52.68 8.45 7.41
N LYS C 12 52.02 8.29 8.54
CA LYS C 12 51.70 9.40 9.42
C LYS C 12 52.15 9.11 10.84
N LYS C 13 52.50 10.17 11.56
CA LYS C 13 52.80 10.06 12.97
C LYS C 13 51.52 9.94 13.78
N PRO C 14 51.57 9.31 14.95
CA PRO C 14 50.35 9.16 15.76
C PRO C 14 49.87 10.49 16.31
N GLY C 15 48.76 10.99 15.79
CA GLY C 15 48.23 12.25 16.23
C GLY C 15 47.96 13.20 15.09
N ALA C 16 48.52 12.91 13.92
CA ALA C 16 48.30 13.72 12.73
C ALA C 16 46.98 13.31 12.09
N SER C 17 46.73 13.81 10.88
CA SER C 17 45.53 13.47 10.12
C SER C 17 45.93 13.12 8.70
N VAL C 18 45.18 12.21 8.10
CA VAL C 18 45.45 11.73 6.74
C VAL C 18 44.24 12.03 5.87
N LYS C 19 44.50 12.58 4.68
CA LYS C 19 43.47 12.83 3.68
C LYS C 19 43.69 11.87 2.52
N VAL C 20 42.65 11.12 2.18
CA VAL C 20 42.71 10.10 1.13
C VAL C 20 41.77 10.54 0.01
N SER C 21 42.28 10.50 -1.21
CA SER C 21 41.53 10.95 -2.38
C SER C 21 40.93 9.77 -3.13
N CYS C 22 39.96 10.08 -3.99
CA CYS C 22 39.31 9.07 -4.82
C CYS C 22 38.73 9.79 -6.04
N GLU C 23 39.41 9.67 -7.17
CA GLU C 23 38.93 10.27 -8.41
C GLU C 23 37.90 9.35 -9.06
N THR C 24 36.90 9.96 -9.68
CA THR C 24 35.81 9.24 -10.32
C THR C 24 35.87 9.45 -11.83
N SER C 25 35.45 8.42 -12.57
CA SER C 25 35.42 8.51 -14.02
C SER C 25 34.41 7.49 -14.55
N GLY C 26 33.95 7.74 -15.77
CA GLY C 26 33.08 6.81 -16.46
C GLY C 26 31.61 6.92 -16.13
N TYR C 27 31.23 7.80 -15.20
CA TYR C 27 29.82 7.93 -14.82
C TYR C 27 29.61 9.31 -14.21
N THR C 28 28.34 9.69 -14.11
CA THR C 28 27.97 10.97 -13.52
C THR C 28 28.31 10.95 -12.03
N PHE C 29 29.26 11.79 -11.62
CA PHE C 29 29.75 11.74 -10.25
C PHE C 29 28.67 12.06 -9.24
N THR C 30 27.81 13.04 -9.52
CA THR C 30 26.76 13.44 -8.58
C THR C 30 25.51 12.58 -8.75
N SER C 31 25.69 11.26 -8.73
CA SER C 31 24.56 10.35 -8.90
C SER C 31 24.55 9.17 -7.94
N TYR C 32 25.67 8.77 -7.37
CA TYR C 32 25.74 7.64 -6.45
C TYR C 32 26.57 8.04 -5.24
N ASN C 33 26.23 7.47 -4.09
CA ASN C 33 27.01 7.71 -2.89
C ASN C 33 28.41 7.14 -3.04
N ILE C 34 29.38 7.82 -2.44
CA ILE C 34 30.75 7.35 -2.40
C ILE C 34 30.98 6.76 -1.01
N ASN C 35 31.32 5.48 -0.97
CA ASN C 35 31.50 4.76 0.26
C ASN C 35 32.99 4.66 0.61
N TRP C 36 33.27 4.55 1.90
CA TRP C 36 34.62 4.33 2.39
C TRP C 36 34.59 3.13 3.34
N VAL C 37 35.48 2.18 3.10
CA VAL C 37 35.53 0.94 3.86
C VAL C 37 36.95 0.73 4.36
N ARG C 38 37.09 0.45 5.65
CA ARG C 38 38.38 0.20 6.26
C ARG C 38 38.63 -1.29 6.38
N GLN C 39 39.89 -1.69 6.30
CA GLN C 39 40.27 -3.07 6.54
C GLN C 39 41.65 -3.08 7.20
N ALA C 40 41.68 -3.34 8.50
CA ALA C 40 42.95 -3.52 9.19
C ALA C 40 43.60 -4.82 8.72
N THR C 41 44.92 -4.79 8.59
CA THR C 41 45.67 -5.96 8.12
C THR C 41 45.48 -7.10 9.11
N GLY C 42 44.87 -8.19 8.65
CA GLY C 42 44.52 -9.30 9.51
C GLY C 42 43.11 -9.25 10.05
N GLN C 43 42.34 -8.23 9.73
CA GLN C 43 40.95 -8.10 10.15
C GLN C 43 40.05 -7.95 8.93
N GLY C 44 38.75 -7.99 9.17
CA GLY C 44 37.77 -7.97 8.10
C GLY C 44 37.38 -6.57 7.68
N LEU C 45 36.45 -6.52 6.74
CA LEU C 45 35.94 -5.25 6.22
C LEU C 45 35.11 -4.53 7.27
N GLU C 46 35.01 -3.22 7.12
CA GLU C 46 34.26 -2.40 8.07
C GLU C 46 33.85 -1.10 7.37
N TRP C 47 32.56 -0.79 7.43
CA TRP C 47 32.03 0.39 6.74
C TRP C 47 32.35 1.64 7.54
N MET C 48 32.86 2.65 6.88
CA MET C 48 33.26 3.89 7.53
C MET C 48 32.27 5.03 7.34
N GLY C 49 31.53 5.04 6.23
CA GLY C 49 30.52 6.05 5.99
C GLY C 49 30.40 6.36 4.51
N TRP C 50 29.24 6.89 4.12
CA TRP C 50 29.04 7.33 2.76
C TRP C 50 28.93 8.86 2.72
N MET C 51 28.81 9.40 1.53
CA MET C 51 28.66 10.83 1.35
C MET C 51 27.98 11.05 0.01
N ASN C 52 26.90 11.83 0.01
CA ASN C 52 26.18 12.11 -1.23
C ASN C 52 26.92 13.21 -1.98
N PRO C 53 27.48 12.92 -3.14
CA PRO C 53 28.27 13.95 -3.85
C PRO C 53 27.41 14.88 -4.69
N THR C 54 26.29 15.31 -4.12
CA THR C 54 25.46 16.34 -4.74
C THR C 54 24.89 17.32 -3.74
N ASP C 55 24.88 16.99 -2.45
CA ASP C 55 24.46 17.90 -1.40
C ASP C 55 25.44 17.96 -0.25
N GLY C 56 26.48 17.12 -0.24
CA GLY C 56 27.39 17.06 0.87
C GLY C 56 26.88 16.27 2.06
N ASN C 57 25.70 15.67 1.94
CA ASN C 57 25.13 14.92 3.05
C ASN C 57 25.93 13.64 3.26
N THR C 58 26.28 13.37 4.52
CA THR C 58 27.10 12.22 4.85
C THR C 58 26.51 11.51 6.06
N ASP C 59 26.90 10.25 6.23
CA ASP C 59 26.39 9.43 7.31
C ASP C 59 27.51 8.49 7.76
N TYR C 60 28.10 8.79 8.92
CA TYR C 60 29.22 8.01 9.43
C TYR C 60 28.74 6.90 10.34
N ALA C 61 29.57 5.87 10.47
CA ALA C 61 29.29 4.82 11.43
C ALA C 61 29.47 5.35 12.85
N GLN C 62 28.79 4.72 13.81
CA GLN C 62 28.85 5.19 15.19
C GLN C 62 30.10 4.68 15.88
N LYS C 63 31.24 4.87 15.23
CA LYS C 63 32.55 4.63 15.80
C LYS C 63 33.55 5.71 15.41
N PHE C 64 33.32 6.39 14.27
CA PHE C 64 34.22 7.43 13.78
C PHE C 64 33.57 8.80 13.80
N GLN C 65 32.36 8.91 14.34
CA GLN C 65 31.64 10.18 14.38
C GLN C 65 32.42 11.14 15.27
N GLY C 66 33.06 12.13 14.66
CA GLY C 66 33.93 13.04 15.36
C GLY C 66 35.39 12.93 14.96
N ARG C 67 35.77 11.97 14.13
CA ARG C 67 37.14 11.82 13.67
C ARG C 67 37.25 11.76 12.16
N VAL C 68 36.14 11.80 11.43
CA VAL C 68 36.16 11.63 9.99
C VAL C 68 35.32 12.73 9.35
N SER C 69 35.81 13.27 8.25
CA SER C 69 35.09 14.26 7.46
C SER C 69 35.24 13.92 5.99
N MET C 70 34.12 13.62 5.34
CA MET C 70 34.11 13.26 3.93
C MET C 70 33.59 14.45 3.13
N THR C 71 34.44 15.02 2.30
CA THR C 71 34.09 16.16 1.46
C THR C 71 34.03 15.72 0.00
N ARG C 72 33.85 16.69 -0.89
CA ARG C 72 33.68 16.42 -2.30
C ARG C 72 34.17 17.60 -3.12
N ASP C 73 34.59 17.31 -4.35
CA ASP C 73 34.97 18.33 -5.33
C ASP C 73 34.37 17.91 -6.67
N THR C 74 33.15 18.38 -6.92
CA THR C 74 32.42 17.99 -8.12
C THR C 74 33.02 18.53 -9.40
N SER C 75 33.80 19.60 -9.34
CA SER C 75 34.44 20.13 -10.53
C SER C 75 35.46 19.16 -11.11
N ILE C 76 36.31 18.60 -10.25
CA ILE C 76 37.31 17.64 -10.68
C ILE C 76 36.86 16.20 -10.49
N SER C 77 35.64 15.99 -9.97
CA SER C 77 35.07 14.65 -9.74
C SER C 77 36.00 13.82 -8.86
N THR C 78 36.24 14.34 -7.66
CA THR C 78 37.08 13.67 -6.69
C THR C 78 36.37 13.68 -5.34
N ALA C 79 36.35 12.52 -4.70
CA ALA C 79 35.80 12.37 -3.36
C ALA C 79 36.95 12.32 -2.38
N TYR C 80 36.71 12.83 -1.17
CA TYR C 80 37.75 12.97 -0.17
C TYR C 80 37.32 12.33 1.13
N MET C 81 38.31 11.85 1.87
CA MET C 81 38.14 11.41 3.25
C MET C 81 39.26 11.99 4.11
N GLU C 82 38.88 12.49 5.28
CA GLU C 82 39.84 12.96 6.26
C GLU C 82 39.63 12.19 7.55
N LEU C 83 40.74 11.73 8.14
CA LEU C 83 40.69 10.97 9.39
C LEU C 83 41.69 11.61 10.35
N SER C 84 41.17 12.30 11.36
CA SER C 84 42.02 12.97 12.33
C SER C 84 42.12 12.15 13.60
N SER C 85 43.04 12.56 14.48
CA SER C 85 43.32 11.87 15.74
C SER C 85 43.66 10.40 15.50
N LEU C 86 44.67 10.19 14.68
CA LEU C 86 45.06 8.84 14.28
C LEU C 86 45.63 8.09 15.48
N ARG C 87 44.96 7.01 15.87
CA ARG C 87 45.37 6.17 16.97
C ARG C 87 46.34 5.11 16.46
N SER C 88 46.75 4.21 17.35
CA SER C 88 47.62 3.11 16.92
C SER C 88 46.87 2.12 16.04
N GLU C 89 45.61 1.83 16.36
CA GLU C 89 44.81 0.89 15.58
C GLU C 89 44.14 1.59 14.40
N ASP C 90 44.93 2.30 13.60
CA ASP C 90 44.45 2.95 12.40
C ASP C 90 45.22 2.55 11.16
N THR C 91 46.28 1.75 11.31
CA THR C 91 47.00 1.22 10.16
C THR C 91 46.10 0.24 9.43
N ALA C 92 45.61 0.64 8.26
CA ALA C 92 44.64 -0.16 7.52
C ALA C 92 44.65 0.28 6.07
N VAL C 93 44.04 -0.55 5.24
CA VAL C 93 43.82 -0.23 3.82
C VAL C 93 42.44 0.38 3.70
N TYR C 94 42.37 1.55 3.06
CA TYR C 94 41.14 2.33 2.98
C TYR C 94 40.63 2.27 1.55
N TYR C 95 39.38 1.84 1.38
CA TYR C 95 38.83 1.55 0.07
C TYR C 95 37.75 2.57 -0.29
N CYS C 96 37.69 2.90 -1.57
CA CYS C 96 36.65 3.76 -2.13
C CYS C 96 35.71 2.91 -2.96
N ALA C 97 34.41 3.08 -2.75
CA ALA C 97 33.44 2.22 -3.43
C ALA C 97 32.22 3.05 -3.82
N ARG C 98 31.51 2.55 -4.82
CA ARG C 98 30.30 3.18 -5.34
C ARG C 98 29.10 2.33 -4.95
N GLY C 99 28.21 2.90 -4.15
CA GLY C 99 27.04 2.18 -3.70
C GLY C 99 25.81 2.42 -4.55
N ARG C 100 24.96 1.40 -4.63
CA ARG C 100 23.73 1.47 -5.40
C ARG C 100 22.58 0.95 -4.56
N GLY C 101 21.56 1.78 -4.36
CA GLY C 101 20.40 1.39 -3.59
C GLY C 101 19.80 2.51 -2.77
N THR C 102 19.09 2.17 -1.70
CA THR C 102 18.51 3.19 -0.84
C THR C 102 19.59 3.96 -0.11
N THR C 103 19.44 5.28 -0.06
CA THR C 103 20.39 6.15 0.61
C THR C 103 19.80 6.81 1.85
N ARG C 104 18.55 6.53 2.18
CA ARG C 104 17.90 7.08 3.36
C ARG C 104 18.11 6.10 4.51
N PHE C 105 18.84 6.53 5.52
CA PHE C 105 19.05 5.74 6.72
C PHE C 105 18.69 6.55 7.95
N SER C 106 17.90 5.95 8.84
CA SER C 106 17.63 6.50 10.16
C SER C 106 17.36 5.34 11.09
N LEU C 107 17.35 5.63 12.40
CA LEU C 107 17.16 4.56 13.38
C LEU C 107 15.81 3.86 13.18
N GLN C 108 14.75 4.64 13.05
CA GLN C 108 13.43 4.10 12.71
C GLN C 108 12.79 5.01 11.67
N ASN C 109 13.11 4.78 10.40
CA ASN C 109 12.43 5.47 9.31
C ASN C 109 12.00 4.51 8.21
N PHE C 110 12.78 3.44 8.00
CA PHE C 110 12.51 2.49 6.93
C PHE C 110 12.98 1.11 7.37
N PRO C 111 12.30 0.50 8.34
CA PRO C 111 12.81 -0.74 8.92
C PRO C 111 12.41 -2.00 8.17
N PHE C 112 12.50 -1.99 6.83
CA PHE C 112 12.23 -3.18 6.03
C PHE C 112 12.50 -2.85 4.56
N ASP C 113 12.85 -3.90 3.80
CA ASP C 113 13.01 -3.83 2.35
C ASP C 113 14.00 -2.73 1.94
N ASN C 114 15.21 -2.82 2.48
CA ASN C 114 16.28 -1.89 2.18
C ASN C 114 17.42 -2.64 1.51
N ALA C 115 17.66 -2.33 0.24
CA ALA C 115 18.72 -2.97 -0.54
C ALA C 115 19.75 -1.92 -0.92
N TYR C 116 21.01 -2.20 -0.62
CA TYR C 116 22.10 -1.28 -0.94
C TYR C 116 23.39 -2.07 -0.98
N TYR C 117 24.07 -2.06 -2.11
CA TYR C 117 25.34 -2.76 -2.26
C TYR C 117 26.35 -1.86 -2.94
N MET C 118 27.62 -2.18 -2.74
CA MET C 118 28.73 -1.44 -3.32
C MET C 118 29.10 -2.10 -4.63
N ASP C 119 28.88 -1.38 -5.73
CA ASP C 119 29.00 -1.94 -7.07
C ASP C 119 30.45 -2.00 -7.54
N VAL C 120 31.12 -0.86 -7.60
CA VAL C 120 32.47 -0.75 -8.12
C VAL C 120 33.38 -0.24 -7.01
N TRP C 121 34.48 -0.94 -6.78
CA TRP C 121 35.41 -0.63 -5.71
C TRP C 121 36.64 0.08 -6.26
N GLY C 122 37.39 0.69 -5.34
CA GLY C 122 38.67 1.29 -5.69
C GLY C 122 39.76 0.24 -5.66
N LYS C 123 41.00 0.70 -5.47
CA LYS C 123 42.14 -0.20 -5.35
C LYS C 123 42.74 -0.24 -3.96
N GLY C 124 42.32 0.65 -3.06
CA GLY C 124 42.82 0.65 -1.70
C GLY C 124 43.94 1.63 -1.50
N THR C 125 44.04 2.16 -0.29
CA THR C 125 45.09 3.11 0.10
C THR C 125 45.65 2.67 1.44
N THR C 126 46.88 2.18 1.44
CA THR C 126 47.52 1.71 2.66
C THR C 126 48.00 2.90 3.46
N VAL C 127 47.35 3.18 4.58
CA VAL C 127 47.72 4.27 5.46
C VAL C 127 48.27 3.65 6.73
N THR C 128 49.55 3.88 7.00
CA THR C 128 50.21 3.34 8.19
C THR C 128 50.54 4.46 9.16
N VAL C 129 50.42 4.14 10.44
CA VAL C 129 50.65 5.10 11.51
C VAL C 129 51.62 4.48 12.52
N SER C 130 52.62 5.26 12.93
CA SER C 130 53.65 4.79 13.86
C SER C 130 54.54 5.95 14.28
N PRO D 65 -14.05 -19.96 -33.72
CA PRO D 65 -13.48 -20.47 -32.47
C PRO D 65 -12.73 -19.39 -31.71
N ALA D 66 -12.93 -19.36 -30.39
CA ALA D 66 -12.23 -18.42 -29.53
C ALA D 66 -12.14 -19.05 -28.14
N ARG D 67 -11.14 -18.62 -27.40
CA ARG D 67 -10.94 -19.19 -26.07
C ARG D 67 -12.04 -18.69 -25.15
N PRO D 68 -12.76 -19.58 -24.45
CA PRO D 68 -13.89 -19.16 -23.62
C PRO D 68 -13.45 -18.40 -22.38
N ILE D 69 -14.43 -17.86 -21.65
CA ILE D 69 -14.12 -17.14 -20.42
C ILE D 69 -13.74 -18.07 -19.28
N THR D 70 -14.13 -19.34 -19.35
CA THR D 70 -13.76 -20.32 -18.34
C THR D 70 -12.37 -20.91 -18.58
N ASN D 71 -11.60 -20.32 -19.48
CA ASN D 71 -10.25 -20.80 -19.80
C ASN D 71 -9.27 -19.67 -19.50
N TRP D 72 -8.34 -19.94 -18.59
CA TRP D 72 -7.35 -18.97 -18.16
C TRP D 72 -5.96 -19.57 -18.24
N ARG D 73 -4.96 -18.72 -18.44
CA ARG D 73 -3.57 -19.12 -18.32
C ARG D 73 -2.80 -17.98 -17.69
N SER D 74 -1.64 -18.31 -17.13
CA SER D 74 -0.80 -17.30 -16.50
C SER D 74 -0.40 -16.24 -17.51
N GLY D 75 -0.50 -14.97 -17.12
CA GLY D 75 -0.22 -13.87 -18.00
C GLY D 75 -1.45 -13.20 -18.58
N ASP D 76 -2.63 -13.77 -18.39
CA ASP D 76 -3.85 -13.11 -18.81
C ASP D 76 -4.13 -11.90 -17.93
N VAL D 77 -4.94 -11.00 -18.45
CA VAL D 77 -5.37 -9.80 -17.73
C VAL D 77 -6.87 -9.91 -17.51
N VAL D 78 -7.28 -9.80 -16.26
CA VAL D 78 -8.68 -9.91 -15.88
C VAL D 78 -9.21 -8.53 -15.51
N TRP D 79 -10.35 -8.16 -16.09
CA TRP D 79 -11.03 -6.90 -15.79
C TRP D 79 -12.32 -7.29 -15.09
N VAL D 80 -12.51 -6.81 -13.86
CA VAL D 80 -13.68 -7.14 -13.06
C VAL D 80 -14.38 -5.86 -12.65
N THR D 81 -15.70 -5.85 -12.83
CA THR D 81 -16.54 -4.75 -12.36
C THR D 81 -17.46 -5.30 -11.28
N LEU D 82 -17.57 -4.55 -10.17
CA LEU D 82 -18.33 -4.98 -8.99
C LEU D 82 -19.37 -3.91 -8.68
N PRO D 83 -20.50 -3.92 -9.39
CA PRO D 83 -21.52 -2.88 -9.17
C PRO D 83 -22.18 -3.06 -7.81
N SER D 84 -22.32 -1.95 -7.09
CA SER D 84 -22.92 -1.94 -5.75
C SER D 84 -22.22 -2.93 -4.83
N ALA D 85 -20.94 -2.68 -4.60
CA ALA D 85 -20.13 -3.56 -3.79
C ALA D 85 -20.35 -3.31 -2.31
N GLU D 86 -20.56 -4.37 -1.55
CA GLU D 86 -20.72 -4.30 -0.11
C GLU D 86 -19.38 -4.52 0.57
N TYR D 87 -19.15 -3.81 1.67
CA TYR D 87 -17.93 -3.97 2.45
C TYR D 87 -18.12 -5.08 3.47
N ALA D 88 -17.33 -6.14 3.34
CA ALA D 88 -17.32 -7.23 4.30
C ALA D 88 -16.21 -7.01 5.30
N GLN D 89 -16.55 -7.05 6.59
CA GLN D 89 -15.58 -6.73 7.63
C GLN D 89 -14.48 -7.77 7.71
N SER D 90 -14.84 -9.05 7.63
CA SER D 90 -13.86 -10.13 7.69
C SER D 90 -14.30 -11.23 6.74
N GLN D 91 -13.49 -11.49 5.73
CA GLN D 91 -13.77 -12.53 4.75
C GLN D 91 -13.09 -13.82 5.19
N SER D 92 -13.86 -14.92 5.17
N SER D 92 -13.86 -14.92 5.17
CA SER D 92 -13.35 -16.18 5.69
CA SER D 92 -13.35 -16.18 5.69
C SER D 92 -12.17 -16.69 4.88
C SER D 92 -12.17 -16.69 4.88
N ALA D 93 -12.28 -16.67 3.56
CA ALA D 93 -11.19 -17.14 2.71
C ALA D 93 -10.24 -16.02 2.33
N MET D 94 -9.81 -15.25 3.34
CA MET D 94 -8.69 -14.33 3.25
C MET D 94 -7.89 -14.25 4.53
N GLY D 95 -8.19 -15.09 5.52
CA GLY D 95 -7.61 -14.91 6.83
C GLY D 95 -8.37 -13.95 7.71
N SER D 96 -9.68 -13.82 7.50
CA SER D 96 -10.52 -12.87 8.24
C SER D 96 -10.01 -11.45 8.06
N HIS D 97 -10.05 -10.99 6.81
CA HIS D 97 -9.62 -9.66 6.42
C HIS D 97 -10.72 -9.01 5.60
N PRO D 98 -10.75 -7.68 5.56
CA PRO D 98 -11.83 -6.98 4.85
C PRO D 98 -11.82 -7.27 3.36
N ALA D 99 -12.98 -7.06 2.74
CA ALA D 99 -13.13 -7.26 1.31
C ALA D 99 -14.37 -6.53 0.82
N TYR D 100 -14.37 -6.18 -0.46
CA TYR D 100 -15.57 -5.76 -1.16
C TYR D 100 -16.13 -6.92 -1.98
N TRP D 101 -17.44 -6.98 -2.09
CA TRP D 101 -18.08 -8.05 -2.84
C TRP D 101 -19.35 -7.55 -3.49
N SER D 102 -19.65 -8.10 -4.66
CA SER D 102 -20.87 -7.78 -5.39
C SER D 102 -21.54 -9.06 -5.87
N GLU D 103 -22.86 -9.04 -5.91
CA GLU D 103 -23.62 -10.20 -6.36
C GLU D 103 -23.61 -10.33 -7.87
N GLU D 104 -23.61 -9.21 -8.59
CA GLU D 104 -23.75 -9.21 -10.04
C GLU D 104 -22.49 -8.72 -10.74
N ALA D 105 -21.33 -9.17 -10.24
CA ALA D 105 -20.07 -8.77 -10.82
C ALA D 105 -19.89 -9.36 -12.22
N THR D 106 -19.05 -8.70 -13.01
CA THR D 106 -18.75 -9.11 -14.38
C THR D 106 -17.25 -9.31 -14.52
N ILE D 107 -16.84 -10.37 -15.20
CA ILE D 107 -15.44 -10.72 -15.38
C ILE D 107 -15.12 -10.73 -16.86
N ILE D 108 -14.01 -10.08 -17.23
CA ILE D 108 -13.60 -9.90 -18.62
C ILE D 108 -12.17 -10.36 -18.78
N ASN D 109 -11.88 -11.14 -19.85
CA ASN D 109 -10.53 -11.47 -20.26
C ASN D 109 -10.09 -10.46 -21.30
N VAL D 110 -9.18 -9.55 -20.93
CA VAL D 110 -8.90 -8.36 -21.73
C VAL D 110 -8.29 -8.72 -23.08
N ALA D 111 -7.32 -9.63 -23.10
CA ALA D 111 -6.65 -9.96 -24.34
C ALA D 111 -7.60 -10.64 -25.33
N THR D 112 -8.36 -11.63 -24.87
CA THR D 112 -9.24 -12.37 -25.76
C THR D 112 -10.51 -11.58 -26.09
N GLY D 113 -10.95 -10.71 -25.19
CA GLY D 113 -12.18 -9.96 -25.40
C GLY D 113 -13.44 -10.66 -24.96
N GLN D 114 -13.33 -11.85 -24.38
CA GLN D 114 -14.48 -12.58 -23.89
C GLN D 114 -14.83 -12.12 -22.49
N ARG D 115 -16.12 -12.11 -22.17
CA ARG D 115 -16.60 -11.68 -20.87
C ARG D 115 -17.89 -12.39 -20.53
N ALA D 116 -18.18 -12.45 -19.24
CA ALA D 116 -19.41 -13.06 -18.76
C ALA D 116 -19.67 -12.61 -17.33
N ALA D 117 -20.91 -12.74 -16.90
CA ALA D 117 -21.25 -12.46 -15.51
C ALA D 117 -20.68 -13.52 -14.60
N VAL D 118 -20.25 -13.09 -13.41
CA VAL D 118 -19.66 -14.03 -12.46
C VAL D 118 -20.69 -15.04 -11.98
N SER D 119 -21.95 -14.60 -11.83
CA SER D 119 -23.00 -15.48 -11.35
C SER D 119 -23.45 -16.50 -12.39
N SER D 120 -23.00 -16.39 -13.63
CA SER D 120 -23.39 -17.29 -14.71
C SER D 120 -22.23 -18.13 -15.21
N ILE D 121 -21.31 -18.49 -14.32
CA ILE D 121 -20.14 -19.29 -14.68
C ILE D 121 -20.10 -20.51 -13.78
N LYS D 122 -19.96 -21.68 -14.38
CA LYS D 122 -19.76 -22.90 -13.61
C LYS D 122 -18.34 -22.90 -13.07
N TRP D 123 -18.18 -22.47 -11.83
CA TRP D 123 -16.84 -22.25 -11.27
C TRP D 123 -16.12 -23.54 -10.94
N ASP D 124 -16.80 -24.68 -10.99
CA ASP D 124 -16.11 -25.96 -10.88
C ASP D 124 -15.55 -26.42 -12.21
N GLN D 125 -15.84 -25.72 -13.31
CA GLN D 125 -15.30 -26.03 -14.62
C GLN D 125 -14.28 -25.00 -15.09
N VAL D 126 -14.01 -23.96 -14.31
CA VAL D 126 -13.02 -22.96 -14.68
C VAL D 126 -11.64 -23.54 -14.43
N THR D 127 -10.78 -23.46 -15.44
CA THR D 127 -9.45 -24.06 -15.39
C THR D 127 -8.40 -22.99 -15.62
N LEU D 128 -7.31 -23.06 -14.85
CA LEU D 128 -6.14 -22.23 -15.04
C LEU D 128 -5.00 -23.12 -15.51
N ASN D 129 -4.47 -22.81 -16.69
CA ASN D 129 -3.41 -23.61 -17.31
C ASN D 129 -3.83 -25.07 -17.47
N GLY D 130 -5.11 -25.28 -17.75
CA GLY D 130 -5.64 -26.61 -17.95
C GLY D 130 -5.97 -27.38 -16.69
N LYS D 131 -5.85 -26.77 -15.52
CA LYS D 131 -6.11 -27.43 -14.25
C LYS D 131 -7.16 -26.65 -13.47
N ALA D 132 -7.96 -27.37 -12.71
CA ALA D 132 -9.07 -26.76 -11.98
C ALA D 132 -8.56 -25.78 -10.93
N LEU D 133 -9.38 -24.76 -10.67
CA LEU D 133 -9.02 -23.74 -9.69
C LEU D 133 -8.97 -24.33 -8.27
N HIS D 134 -8.13 -23.73 -7.44
CA HIS D 134 -8.07 -24.12 -6.03
C HIS D 134 -9.33 -23.68 -5.31
N LYS D 135 -9.89 -24.57 -4.50
CA LYS D 135 -11.13 -24.31 -3.81
C LYS D 135 -10.96 -24.48 -2.30
N GLU D 136 -11.70 -23.68 -1.55
CA GLU D 136 -11.68 -23.71 -0.09
C GLU D 136 -13.11 -23.69 0.42
N THR D 137 -13.49 -24.72 1.17
CA THR D 137 -14.84 -24.85 1.68
C THR D 137 -14.90 -24.34 3.13
N HIS D 138 -14.71 -23.03 3.27
CA HIS D 138 -14.80 -22.39 4.57
C HIS D 138 -16.25 -22.37 5.04
N SER D 139 -16.46 -22.76 6.30
CA SER D 139 -17.80 -22.97 6.87
C SER D 139 -18.52 -23.97 5.96
N GLY D 140 -19.75 -23.71 5.54
CA GLY D 140 -20.41 -24.55 4.56
C GLY D 140 -20.38 -24.01 3.14
N LEU D 141 -19.55 -23.01 2.87
CA LEU D 141 -19.55 -22.32 1.59
C LEU D 141 -18.22 -22.55 0.89
N VAL D 142 -18.27 -22.80 -0.43
CA VAL D 142 -17.08 -23.12 -1.21
C VAL D 142 -16.60 -21.85 -1.90
N TYR D 143 -15.34 -21.51 -1.67
CA TYR D 143 -14.71 -20.33 -2.28
C TYR D 143 -13.63 -20.79 -3.25
N TYR D 144 -13.70 -20.30 -4.48
CA TYR D 144 -12.72 -20.61 -5.49
C TYR D 144 -11.64 -19.54 -5.54
N GLN D 145 -10.41 -19.95 -5.84
CA GLN D 145 -9.27 -19.05 -5.86
C GLN D 145 -8.80 -18.85 -7.29
N LEU D 146 -8.69 -17.59 -7.71
CA LEU D 146 -8.09 -17.25 -8.98
C LEU D 146 -6.82 -16.47 -8.67
N PRO D 147 -5.65 -17.09 -8.67
CA PRO D 147 -4.43 -16.40 -8.25
C PRO D 147 -4.01 -15.33 -9.24
N LEU D 148 -3.36 -14.30 -8.69
CA LEU D 148 -2.83 -13.18 -9.46
C LEU D 148 -1.34 -13.04 -9.20
N MET D 149 -0.63 -12.49 -10.18
CA MET D 149 0.75 -12.06 -10.01
C MET D 149 0.73 -10.56 -9.79
N GLY D 150 1.20 -10.14 -8.63
CA GLY D 150 1.02 -8.77 -8.21
C GLY D 150 -0.24 -8.61 -7.37
N LYS D 151 -0.54 -7.36 -7.04
CA LYS D 151 -1.70 -7.02 -6.24
C LYS D 151 -2.89 -6.72 -7.14
N ILE D 152 -4.08 -6.88 -6.57
CA ILE D 152 -5.30 -6.54 -7.30
C ILE D 152 -5.49 -5.03 -7.26
N ASN D 153 -5.68 -4.44 -8.43
CA ASN D 153 -5.81 -3.00 -8.58
C ASN D 153 -7.29 -2.67 -8.74
N PHE D 154 -7.88 -2.10 -7.70
CA PHE D 154 -9.30 -1.75 -7.73
C PHE D 154 -9.47 -0.28 -7.39
N TRP D 155 -10.44 0.34 -8.06
CA TRP D 155 -10.75 1.75 -7.89
C TRP D 155 -12.24 1.93 -8.05
N GLN D 156 -12.74 3.07 -7.57
CA GLN D 156 -14.16 3.37 -7.74
C GLN D 156 -14.45 3.60 -9.21
N GLN D 157 -15.51 2.96 -9.71
CA GLN D 157 -15.83 3.01 -11.12
C GLN D 157 -16.08 4.43 -11.59
N GLY D 158 -15.45 4.83 -12.69
CA GLY D 158 -15.66 6.12 -13.29
C GLY D 158 -14.85 7.24 -12.70
N THR D 159 -14.23 7.04 -11.54
CA THR D 159 -13.46 8.06 -10.86
C THR D 159 -12.05 7.54 -10.59
N THR D 160 -11.11 8.48 -10.53
CA THR D 160 -9.71 8.14 -10.25
C THR D 160 -9.44 8.13 -8.75
N LYS D 161 -10.28 7.42 -8.00
CA LYS D 161 -10.13 7.28 -6.55
C LYS D 161 -9.79 5.81 -6.31
N ALA D 162 -8.51 5.53 -6.13
CA ALA D 162 -8.03 4.16 -6.06
C ALA D 162 -8.26 3.58 -4.67
N GLY D 163 -8.23 2.24 -4.61
CA GLY D 163 -8.24 1.55 -3.34
C GLY D 163 -6.98 0.73 -3.17
N TYR D 164 -6.64 0.39 -1.93
CA TYR D 164 -5.47 -0.42 -1.64
C TYR D 164 -5.87 -1.67 -0.88
N THR D 165 -5.11 -2.74 -1.10
CA THR D 165 -5.43 -4.04 -0.54
C THR D 165 -5.01 -4.11 0.92
N TYR D 166 -5.33 -5.23 1.56
CA TYR D 166 -4.92 -5.43 2.94
C TYR D 166 -3.40 -5.52 3.06
N ASN D 167 -2.75 -6.21 2.14
CA ASN D 167 -1.30 -6.37 2.15
C ASN D 167 -0.65 -5.28 1.29
N TYR D 168 -1.01 -4.05 1.59
CA TYR D 168 -0.43 -2.89 0.94
C TYR D 168 1.06 -2.73 1.24
N ASN D 169 1.54 -3.30 2.34
CA ASN D 169 2.92 -3.15 2.76
C ASN D 169 3.83 -4.27 2.31
N THR D 170 3.29 -5.40 1.89
CA THR D 170 4.07 -6.60 1.66
C THR D 170 4.24 -6.86 0.17
N THR D 171 5.14 -7.80 -0.13
CA THR D 171 5.39 -8.24 -1.50
C THR D 171 4.55 -9.46 -1.87
N ASP D 172 3.39 -9.62 -1.26
CA ASP D 172 2.53 -10.76 -1.51
C ASP D 172 1.71 -10.55 -2.78
N SER D 173 1.07 -11.62 -3.23
CA SER D 173 0.21 -11.58 -4.40
C SER D 173 -1.23 -11.84 -3.99
N ASP D 174 -2.16 -11.16 -4.67
CA ASP D 174 -3.56 -11.25 -4.34
C ASP D 174 -4.23 -12.34 -5.17
N SER D 175 -5.52 -12.53 -4.93
CA SER D 175 -6.31 -13.52 -5.65
C SER D 175 -7.75 -13.06 -5.71
N LEU D 176 -8.48 -13.52 -6.71
CA LEU D 176 -9.90 -13.25 -6.84
C LEU D 176 -10.66 -14.44 -6.29
N TRP D 177 -11.29 -14.26 -5.13
CA TRP D 177 -12.04 -15.33 -4.48
C TRP D 177 -13.51 -15.24 -4.87
N VAL D 178 -14.09 -16.38 -5.24
CA VAL D 178 -15.47 -16.44 -5.69
C VAL D 178 -16.20 -17.47 -4.84
N TRP D 179 -17.29 -17.05 -4.22
CA TRP D 179 -18.26 -17.99 -3.69
C TRP D 179 -19.26 -18.36 -4.78
N TRP D 180 -19.51 -19.65 -4.96
CA TRP D 180 -20.46 -20.13 -5.95
C TRP D 180 -21.46 -21.04 -5.28
N ASP D 181 -22.74 -20.78 -5.52
CA ASP D 181 -23.81 -21.56 -4.90
C ASP D 181 -23.87 -22.96 -5.48
N GLY D 182 -23.65 -23.10 -6.79
CA GLY D 182 -23.91 -24.30 -7.54
C GLY D 182 -24.98 -24.12 -8.60
N GLY D 183 -25.91 -23.20 -8.37
CA GLY D 183 -26.85 -22.78 -9.39
C GLY D 183 -26.32 -21.55 -10.08
N SER D 184 -27.02 -20.41 -9.93
CA SER D 184 -26.54 -19.13 -10.45
C SER D 184 -26.62 -18.09 -9.34
N LYS D 185 -25.60 -18.09 -8.49
CA LYS D 185 -25.46 -17.10 -7.42
C LYS D 185 -23.98 -17.06 -7.05
N ALA D 186 -23.26 -16.05 -7.53
CA ALA D 186 -21.83 -15.98 -7.29
C ALA D 186 -21.45 -14.60 -6.82
N TYR D 187 -20.53 -14.55 -5.85
CA TYR D 187 -20.00 -13.31 -5.29
C TYR D 187 -18.53 -13.20 -5.62
N LEU D 188 -18.11 -12.04 -6.11
CA LEU D 188 -16.71 -11.76 -6.39
C LEU D 188 -16.13 -10.94 -5.26
N TYR D 189 -14.97 -11.38 -4.74
CA TYR D 189 -14.35 -10.77 -3.58
C TYR D 189 -13.02 -10.13 -3.97
N ILE D 190 -12.77 -8.94 -3.43
CA ILE D 190 -11.51 -8.24 -3.62
C ILE D 190 -10.96 -7.88 -2.25
N SER D 191 -9.72 -8.26 -1.99
CA SER D 191 -9.09 -7.96 -0.71
C SER D 191 -8.87 -6.46 -0.57
N THR D 192 -9.28 -5.90 0.57
CA THR D 192 -9.09 -4.50 0.89
C THR D 192 -8.57 -4.37 2.31
N TYR D 193 -8.20 -3.15 2.67
CA TYR D 193 -7.69 -2.87 4.01
C TYR D 193 -8.71 -2.19 4.89
N THR D 194 -9.45 -1.22 4.36
CA THR D 194 -10.47 -0.52 5.12
C THR D 194 -11.53 -0.03 4.14
N THR D 195 -12.42 0.83 4.62
CA THR D 195 -13.45 1.44 3.76
C THR D 195 -12.87 2.71 3.13
N MET D 196 -11.80 2.51 2.34
CA MET D 196 -11.18 3.63 1.65
C MET D 196 -12.06 4.17 0.53
N LEU D 197 -12.94 3.34 -0.02
CA LEU D 197 -13.86 3.77 -1.06
C LEU D 197 -15.28 3.98 -0.55
N GLY D 198 -15.59 3.49 0.65
CA GLY D 198 -16.92 3.66 1.21
C GLY D 198 -17.40 2.45 1.97
N ALA D 199 -18.48 2.62 2.73
CA ALA D 199 -19.08 1.50 3.44
C ALA D 199 -19.95 0.63 2.53
N GLY D 200 -20.23 1.08 1.31
CA GLY D 200 -21.03 0.33 0.39
C GLY D 200 -22.50 0.68 0.48
N PRO D 201 -23.25 0.40 -0.59
CA PRO D 201 -22.81 -0.14 -1.88
C PRO D 201 -22.09 0.90 -2.74
N VAL D 202 -21.06 0.48 -3.47
CA VAL D 202 -20.27 1.39 -4.30
C VAL D 202 -19.79 0.63 -5.52
N ASN D 203 -19.89 1.27 -6.68
CA ASN D 203 -19.44 0.64 -7.93
C ASN D 203 -17.92 0.63 -7.96
N ILE D 204 -17.34 -0.54 -8.21
CA ILE D 204 -15.90 -0.75 -8.14
C ILE D 204 -15.45 -1.51 -9.38
N THR D 205 -14.37 -1.06 -10.00
CA THR D 205 -13.73 -1.74 -11.11
C THR D 205 -12.37 -2.23 -10.67
N GLY D 206 -12.05 -3.49 -10.98
CA GLY D 206 -10.78 -4.08 -10.64
C GLY D 206 -9.96 -4.40 -11.88
N LEU D 207 -8.70 -4.77 -11.62
CA LEU D 207 -7.76 -5.09 -12.69
C LEU D 207 -6.66 -5.95 -12.11
N GLY D 208 -6.33 -7.05 -12.79
CA GLY D 208 -5.29 -7.94 -12.31
C GLY D 208 -4.71 -8.78 -13.41
N ALA D 209 -3.51 -9.31 -13.15
CA ALA D 209 -2.81 -10.21 -14.04
C ALA D 209 -2.85 -11.61 -13.46
N VAL D 210 -3.30 -12.57 -14.28
CA VAL D 210 -3.54 -13.92 -13.80
C VAL D 210 -2.21 -14.61 -13.49
N GLY D 211 -2.10 -15.17 -12.29
CA GLY D 211 -0.86 -15.75 -11.84
C GLY D 211 -0.80 -17.25 -12.00
N PRO D 212 0.28 -17.85 -11.50
CA PRO D 212 0.49 -19.29 -11.68
C PRO D 212 -0.35 -20.12 -10.72
N ASN D 213 -0.39 -21.41 -11.01
CA ASN D 213 -1.15 -22.36 -10.19
C ASN D 213 -0.51 -22.50 -8.82
N PRO D 214 -1.26 -22.38 -7.73
CA PRO D 214 -0.68 -22.61 -6.40
C PRO D 214 -0.42 -24.08 -6.14
N VAL D 215 0.85 -24.48 -6.16
CA VAL D 215 1.22 -25.87 -5.94
C VAL D 215 1.93 -26.03 -4.61
N VAL E 3 -19.63 17.87 18.49
CA VAL E 3 -18.35 18.32 17.95
C VAL E 3 -18.56 18.92 16.57
N LEU E 4 -19.46 18.31 15.80
CA LEU E 4 -19.74 18.77 14.45
C LEU E 4 -20.67 19.98 14.51
N THR E 5 -20.20 21.11 14.01
CA THR E 5 -21.02 22.32 13.99
C THR E 5 -22.06 22.24 12.88
N GLN E 6 -23.18 22.91 13.09
CA GLN E 6 -24.29 22.86 12.15
C GLN E 6 -25.24 24.03 12.44
N PRO E 7 -25.75 24.70 11.40
CA PRO E 7 -26.62 25.84 11.64
C PRO E 7 -27.86 25.43 12.43
N PRO E 8 -28.29 26.24 13.40
CA PRO E 8 -29.50 25.88 14.15
C PRO E 8 -30.74 25.79 13.29
N SER E 9 -30.86 26.64 12.27
CA SER E 9 -32.04 26.65 11.42
C SER E 9 -31.67 27.14 10.03
N VAL E 10 -32.47 26.73 9.04
CA VAL E 10 -32.27 27.10 7.65
C VAL E 10 -33.64 27.26 7.01
N SER E 11 -33.85 28.39 6.35
CA SER E 11 -35.11 28.69 5.70
C SER E 11 -34.89 29.05 4.24
N ALA E 12 -35.88 28.75 3.41
CA ALA E 12 -35.79 29.03 1.98
C ALA E 12 -37.19 29.12 1.40
N ALA E 13 -37.27 29.62 0.17
CA ALA E 13 -38.53 29.70 -0.54
C ALA E 13 -38.99 28.29 -0.91
N PRO E 14 -40.30 28.11 -1.14
CA PRO E 14 -40.82 26.77 -1.46
C PRO E 14 -40.39 26.26 -2.82
N GLY E 15 -39.51 26.97 -3.51
CA GLY E 15 -39.01 26.52 -4.79
C GLY E 15 -37.55 26.85 -5.03
N GLN E 16 -36.81 27.10 -3.96
CA GLN E 16 -35.44 27.58 -4.05
C GLN E 16 -34.45 26.54 -3.54
N LYS E 17 -33.30 26.46 -4.21
CA LYS E 17 -32.23 25.61 -3.74
C LYS E 17 -31.64 26.15 -2.45
N VAL E 18 -31.47 25.27 -1.46
CA VAL E 18 -30.88 25.65 -0.19
C VAL E 18 -29.86 24.58 0.22
N THR E 19 -28.91 24.98 1.04
CA THR E 19 -27.83 24.10 1.47
C THR E 19 -27.70 24.12 2.98
N ILE E 20 -27.32 22.98 3.54
CA ILE E 20 -27.02 22.82 4.95
C ILE E 20 -25.60 22.31 5.08
N SER E 21 -24.75 23.05 5.79
CA SER E 21 -23.33 22.75 5.85
C SER E 21 -22.90 22.48 7.28
N CYS E 22 -22.11 21.42 7.47
CA CYS E 22 -21.47 21.12 8.74
C CYS E 22 -20.03 21.60 8.73
N SER E 23 -19.36 21.42 9.87
CA SER E 23 -17.97 21.81 10.00
C SER E 23 -17.32 20.95 11.07
N GLY E 24 -16.31 20.18 10.67
CA GLY E 24 -15.60 19.33 11.60
C GLY E 24 -14.12 19.63 11.66
N SER E 25 -13.36 18.74 12.29
CA SER E 25 -11.93 18.87 12.39
C SER E 25 -11.25 17.93 11.41
N SER E 26 -9.92 17.84 11.49
CA SER E 26 -9.19 16.93 10.61
C SER E 26 -9.49 15.48 10.95
N SER E 27 -9.80 15.18 12.21
CA SER E 27 -10.08 13.82 12.64
C SER E 27 -11.56 13.45 12.52
N ASN E 28 -12.39 14.35 11.97
CA ASN E 28 -13.81 14.10 11.83
C ASN E 28 -14.22 13.93 10.37
N ILE E 29 -13.98 14.95 9.54
CA ILE E 29 -14.49 15.02 8.19
C ILE E 29 -13.38 14.94 7.15
N GLY E 30 -12.23 15.53 7.44
CA GLY E 30 -11.11 15.42 6.52
C GLY E 30 -10.52 14.03 6.41
N ASN E 31 -10.86 13.13 7.32
CA ASN E 31 -10.33 11.77 7.31
C ASN E 31 -11.37 10.69 7.11
N ASN E 32 -12.65 10.99 7.27
CA ASN E 32 -13.69 9.97 7.24
C ASN E 32 -14.87 10.44 6.40
N TYR E 33 -15.85 9.57 6.24
CA TYR E 33 -17.04 9.86 5.45
C TYR E 33 -18.18 10.33 6.33
N VAL E 34 -19.00 11.23 5.80
CA VAL E 34 -20.05 11.90 6.56
C VAL E 34 -21.40 11.55 5.96
N SER E 35 -22.28 10.98 6.77
CA SER E 35 -23.62 10.63 6.36
C SER E 35 -24.62 11.67 6.86
N TRP E 36 -25.77 11.72 6.20
CA TRP E 36 -26.83 12.66 6.55
C TRP E 36 -28.10 11.89 6.85
N TYR E 37 -28.86 12.39 7.83
CA TYR E 37 -30.07 11.74 8.30
C TYR E 37 -31.18 12.76 8.37
N GLN E 38 -32.36 12.39 7.88
CA GLN E 38 -33.54 13.25 7.92
C GLN E 38 -34.50 12.71 8.96
N GLN E 39 -35.05 13.59 9.78
CA GLN E 39 -36.02 13.22 10.80
C GLN E 39 -37.23 14.14 10.71
N LEU E 40 -38.35 13.61 10.23
CA LEU E 40 -39.60 14.35 10.28
C LEU E 40 -40.06 14.46 11.73
N PRO E 41 -40.82 15.50 12.06
CA PRO E 41 -41.32 15.63 13.44
C PRO E 41 -42.23 14.46 13.82
N GLY E 42 -41.94 13.85 14.96
CA GLY E 42 -42.70 12.70 15.40
C GLY E 42 -42.35 11.40 14.72
N THR E 43 -41.22 11.33 14.02
CA THR E 43 -40.83 10.14 13.30
C THR E 43 -39.37 9.83 13.58
N ALA E 44 -39.00 8.56 13.39
CA ALA E 44 -37.63 8.14 13.58
C ALA E 44 -36.75 8.70 12.47
N PRO E 45 -35.45 8.88 12.73
CA PRO E 45 -34.56 9.38 11.68
C PRO E 45 -34.43 8.40 10.53
N LYS E 46 -34.20 8.94 9.34
CA LYS E 46 -34.08 8.16 8.12
C LYS E 46 -32.80 8.53 7.41
N LEU E 47 -32.09 7.52 6.90
CA LEU E 47 -30.86 7.77 6.17
C LEU E 47 -31.16 8.55 4.90
N LEU E 48 -30.45 9.65 4.70
CA LEU E 48 -30.66 10.53 3.56
C LEU E 48 -29.50 10.45 2.58
N ILE E 49 -28.27 10.57 3.08
CA ILE E 49 -27.06 10.47 2.27
C ILE E 49 -26.09 9.59 3.01
N TYR E 50 -25.60 8.54 2.36
CA TYR E 50 -24.51 7.74 2.90
C TYR E 50 -23.24 8.02 2.11
N ASP E 51 -22.14 7.41 2.55
CA ASP E 51 -20.81 7.78 2.06
C ASP E 51 -20.67 9.29 2.19
N ASN E 52 -20.33 9.98 1.10
CA ASN E 52 -20.36 11.43 1.09
C ASN E 52 -21.44 12.01 0.19
N ASN E 53 -21.69 11.41 -0.97
CA ASN E 53 -22.67 11.92 -1.92
C ASN E 53 -23.52 10.80 -2.50
N LYS E 54 -23.90 9.84 -1.67
CA LYS E 54 -24.59 8.66 -2.14
C LYS E 54 -26.00 8.61 -1.57
N ARG E 55 -26.98 8.42 -2.46
CA ARG E 55 -28.38 8.38 -2.06
C ARG E 55 -28.87 6.95 -1.98
N PRO E 56 -29.55 6.58 -0.90
CA PRO E 56 -30.16 5.25 -0.83
C PRO E 56 -31.31 5.12 -1.81
N SER E 57 -31.81 3.90 -1.94
CA SER E 57 -32.94 3.64 -2.82
C SER E 57 -34.21 4.18 -2.18
N GLY E 58 -34.84 5.15 -2.85
CA GLY E 58 -36.02 5.84 -2.35
C GLY E 58 -35.82 7.32 -2.17
N ILE E 59 -34.57 7.73 -1.85
CA ILE E 59 -34.29 9.15 -1.69
C ILE E 59 -34.29 9.81 -3.07
N PRO E 60 -35.12 10.87 -3.27
CA PRO E 60 -35.16 11.52 -4.58
C PRO E 60 -33.85 12.20 -4.93
N ASP E 61 -33.63 12.36 -6.23
CA ASP E 61 -32.38 12.92 -6.74
C ASP E 61 -32.19 14.38 -6.39
N ARG E 62 -33.22 15.06 -5.92
CA ARG E 62 -33.06 16.47 -5.55
C ARG E 62 -32.14 16.63 -4.36
N PHE E 63 -32.06 15.63 -3.49
CA PHE E 63 -31.12 15.66 -2.37
C PHE E 63 -29.72 15.32 -2.86
N SER E 64 -28.73 16.01 -2.32
CA SER E 64 -27.34 15.77 -2.69
C SER E 64 -26.44 16.20 -1.54
N GLY E 65 -25.21 15.72 -1.58
CA GLY E 65 -24.23 16.07 -0.57
C GLY E 65 -22.84 16.14 -1.20
N SER E 66 -21.93 16.77 -0.47
CA SER E 66 -20.56 16.89 -0.96
C SER E 66 -19.64 17.17 0.22
N LYS E 67 -18.46 16.58 0.18
CA LYS E 67 -17.41 16.81 1.18
C LYS E 67 -16.22 17.44 0.47
N SER E 68 -15.78 18.59 0.97
CA SER E 68 -14.68 19.33 0.36
C SER E 68 -13.43 19.31 1.21
N GLY E 69 -13.54 19.74 2.47
CA GLY E 69 -12.41 19.72 3.38
C GLY E 69 -12.81 19.13 4.72
N THR E 70 -12.61 19.89 5.79
CA THR E 70 -13.14 19.53 7.09
C THR E 70 -14.59 19.96 7.25
N SER E 71 -15.23 20.42 6.17
CA SER E 71 -16.64 20.82 6.19
C SER E 71 -17.37 20.15 5.05
N ALA E 72 -18.57 19.66 5.33
CA ALA E 72 -19.41 19.00 4.35
C ALA E 72 -20.78 19.65 4.33
N THR E 73 -21.46 19.56 3.19
CA THR E 73 -22.72 20.24 3.01
C THR E 73 -23.78 19.29 2.48
N LEU E 74 -25.04 19.63 2.74
CA LEU E 74 -26.20 18.91 2.23
C LEU E 74 -26.96 19.83 1.29
N GLY E 75 -27.24 19.35 0.09
CA GLY E 75 -27.90 20.18 -0.89
C GLY E 75 -29.27 19.69 -1.30
N ILE E 76 -30.13 20.62 -1.73
CA ILE E 76 -31.44 20.29 -2.27
C ILE E 76 -31.62 21.03 -3.58
N THR E 77 -32.28 20.38 -4.53
CA THR E 77 -32.59 20.97 -5.83
C THR E 77 -33.89 21.75 -5.82
N GLY E 78 -34.93 21.19 -5.21
CA GLY E 78 -36.20 21.88 -5.10
C GLY E 78 -36.90 21.59 -3.79
N LEU E 79 -37.32 22.65 -3.11
CA LEU E 79 -38.02 22.49 -1.84
C LEU E 79 -39.48 22.12 -2.08
N GLN E 80 -40.02 21.31 -1.18
CA GLN E 80 -41.42 20.89 -1.27
C GLN E 80 -42.01 20.92 0.14
N THR E 81 -43.29 20.55 0.23
CA THR E 81 -43.99 20.58 1.51
C THR E 81 -43.40 19.55 2.48
N GLY E 82 -43.05 18.38 1.99
CA GLY E 82 -42.57 17.29 2.83
C GLY E 82 -41.13 17.40 3.28
N ASP E 83 -40.43 18.46 2.90
CA ASP E 83 -39.05 18.65 3.28
C ASP E 83 -38.88 19.30 4.64
N GLU E 84 -39.97 19.72 5.27
CA GLU E 84 -39.89 20.35 6.59
C GLU E 84 -39.55 19.29 7.62
N ALA E 85 -38.28 19.16 7.94
CA ALA E 85 -37.83 18.14 8.88
C ALA E 85 -36.58 18.65 9.59
N ASP E 86 -35.91 17.73 10.29
CA ASP E 86 -34.67 18.03 10.99
C ASP E 86 -33.57 17.15 10.41
N TYR E 87 -32.45 17.76 10.05
CA TYR E 87 -31.37 17.07 9.37
C TYR E 87 -30.12 17.07 10.25
N TYR E 88 -29.40 15.95 10.24
CA TYR E 88 -28.29 15.73 11.13
C TYR E 88 -27.07 15.25 10.35
N CYS E 89 -25.89 15.62 10.84
CA CYS E 89 -24.63 15.11 10.32
C CYS E 89 -24.23 13.86 11.10
N GLY E 90 -23.46 13.00 10.43
CA GLY E 90 -22.92 11.82 11.08
C GLY E 90 -21.65 11.36 10.41
N THR E 91 -20.57 11.22 11.18
CA THR E 91 -19.29 10.81 10.62
C THR E 91 -18.53 10.02 11.67
N TRP E 92 -17.33 9.59 11.30
CA TRP E 92 -16.47 8.83 12.19
C TRP E 92 -15.47 9.77 12.86
N ASP E 93 -15.37 9.65 14.18
CA ASP E 93 -14.40 10.40 14.95
C ASP E 93 -13.38 9.43 15.50
N SER E 94 -12.15 9.50 14.99
CA SER E 94 -11.10 8.59 15.43
C SER E 94 -10.61 8.89 16.83
N SER E 95 -11.01 10.01 17.42
CA SER E 95 -10.57 10.40 18.75
C SER E 95 -11.65 10.26 19.82
N LEU E 96 -12.93 10.34 19.45
CA LEU E 96 -14.00 10.33 20.43
C LEU E 96 -14.89 9.09 20.30
N SER E 97 -15.49 8.86 19.13
CA SER E 97 -16.42 7.75 18.96
C SER E 97 -16.64 7.51 17.49
N PRO E 98 -16.94 6.27 17.08
CA PRO E 98 -17.16 6.00 15.66
C PRO E 98 -18.40 6.66 15.08
N VAL E 99 -19.35 7.08 15.91
CA VAL E 99 -20.57 7.72 15.45
C VAL E 99 -20.74 9.02 16.23
N VAL E 100 -20.51 10.14 15.57
CA VAL E 100 -20.75 11.46 16.15
C VAL E 100 -21.77 12.18 15.30
N PHE E 101 -22.55 13.05 15.95
CA PHE E 101 -23.63 13.77 15.29
C PHE E 101 -23.40 15.26 15.43
N GLY E 102 -24.12 16.03 14.60
CA GLY E 102 -24.15 17.47 14.72
C GLY E 102 -25.30 17.91 15.62
N GLY E 103 -25.47 19.23 15.71
CA GLY E 103 -26.54 19.78 16.50
C GLY E 103 -27.91 19.64 15.87
N GLY E 104 -27.97 19.42 14.56
CA GLY E 104 -29.22 19.38 13.86
C GLY E 104 -29.59 20.73 13.26
N THR E 105 -30.54 20.70 12.33
CA THR E 105 -30.99 21.91 11.67
C THR E 105 -32.44 21.72 11.24
N ARG E 106 -33.24 22.76 11.45
CA ARG E 106 -34.64 22.76 11.06
C ARG E 106 -34.78 23.43 9.71
N LEU E 107 -35.41 22.75 8.76
CA LEU E 107 -35.65 23.29 7.43
C LEU E 107 -37.08 23.81 7.41
N THR E 108 -37.24 25.13 7.46
CA THR E 108 -38.54 25.76 7.48
C THR E 108 -38.83 26.38 6.11
N VAL E 109 -40.03 26.95 5.98
CA VAL E 109 -40.45 27.61 4.75
C VAL E 109 -40.73 29.07 5.03
N LEU E 110 -40.34 29.92 4.08
CA LEU E 110 -40.53 31.35 4.21
C LEU E 110 -41.82 31.77 3.53
N GLN F 1 -39.59 -6.92 4.02
CA GLN F 1 -38.27 -6.29 4.02
C GLN F 1 -37.63 -6.38 5.40
N VAL F 2 -36.51 -5.68 5.58
CA VAL F 2 -35.82 -5.66 6.87
C VAL F 2 -36.54 -4.70 7.80
N GLN F 3 -36.65 -5.08 9.07
CA GLN F 3 -37.38 -4.29 10.05
C GLN F 3 -36.66 -4.35 11.39
N LEU F 4 -36.96 -3.37 12.24
CA LEU F 4 -36.43 -3.31 13.60
C LEU F 4 -37.59 -2.89 14.51
N VAL F 5 -38.24 -3.87 15.12
CA VAL F 5 -39.42 -3.63 15.95
C VAL F 5 -38.97 -3.54 17.40
N GLN F 6 -39.27 -2.43 18.05
CA GLN F 6 -38.86 -2.20 19.42
C GLN F 6 -40.04 -2.47 20.36
N SER F 7 -39.84 -2.19 21.65
CA SER F 7 -40.86 -2.39 22.66
C SER F 7 -41.67 -1.12 22.86
N GLY F 8 -42.61 -1.18 23.80
CA GLY F 8 -43.47 -0.05 24.09
C GLY F 8 -42.84 0.94 25.05
N ALA F 9 -43.56 2.03 25.30
CA ALA F 9 -43.09 3.07 26.18
C ALA F 9 -42.98 2.56 27.62
N GLU F 10 -42.02 3.10 28.35
CA GLU F 10 -41.74 2.65 29.71
C GLU F 10 -41.78 3.84 30.67
N VAL F 11 -42.33 3.60 31.86
CA VAL F 11 -42.34 4.58 32.94
C VAL F 11 -41.53 4.01 34.08
N LYS F 12 -40.48 4.71 34.48
CA LYS F 12 -39.55 4.23 35.47
C LYS F 12 -39.33 5.27 36.57
N LYS F 13 -39.10 4.79 37.77
CA LYS F 13 -38.75 5.67 38.88
C LYS F 13 -37.27 6.04 38.81
N PRO F 14 -36.88 7.18 39.36
CA PRO F 14 -35.46 7.56 39.32
C PRO F 14 -34.61 6.67 40.20
N GLY F 15 -33.79 5.84 39.57
CA GLY F 15 -32.94 4.94 40.32
C GLY F 15 -33.08 3.49 39.87
N ALA F 16 -34.15 3.21 39.14
CA ALA F 16 -34.39 1.86 38.64
C ALA F 16 -33.59 1.65 37.35
N SER F 17 -33.85 0.55 36.67
CA SER F 17 -33.20 0.24 35.40
C SER F 17 -34.26 -0.18 34.38
N VAL F 18 -34.08 0.26 33.14
CA VAL F 18 -35.01 -0.01 32.07
C VAL F 18 -34.31 -0.86 31.01
N LYS F 19 -34.98 -1.92 30.59
CA LYS F 19 -34.48 -2.78 29.52
C LYS F 19 -35.40 -2.60 28.30
N VAL F 20 -34.80 -2.23 27.18
CA VAL F 20 -35.52 -2.03 25.93
C VAL F 20 -35.12 -3.13 24.96
N SER F 21 -36.02 -3.50 24.07
CA SER F 21 -35.80 -4.60 23.15
C SER F 21 -35.86 -4.11 21.71
N CYS F 22 -35.37 -4.96 20.80
CA CYS F 22 -35.34 -4.63 19.38
C CYS F 22 -35.32 -5.95 18.61
N GLU F 23 -36.49 -6.35 18.09
CA GLU F 23 -36.57 -7.54 17.27
C GLU F 23 -36.23 -7.20 15.83
N THR F 24 -35.36 -8.02 15.22
CA THR F 24 -34.91 -7.79 13.85
C THR F 24 -35.47 -8.88 12.94
N SER F 25 -35.67 -8.52 11.68
CA SER F 25 -36.22 -9.46 10.71
C SER F 25 -35.76 -9.04 9.32
N GLY F 26 -35.85 -9.98 8.38
CA GLY F 26 -35.54 -9.71 7.00
C GLY F 26 -34.07 -9.77 6.64
N TYR F 27 -33.19 -10.08 7.57
CA TYR F 27 -31.77 -10.13 7.29
C TYR F 27 -31.09 -11.03 8.31
N THR F 28 -29.87 -11.46 7.97
CA THR F 28 -29.08 -12.29 8.88
C THR F 28 -28.71 -11.48 10.10
N PHE F 29 -29.25 -11.87 11.27
CA PHE F 29 -29.09 -11.07 12.47
C PHE F 29 -27.63 -10.94 12.88
N THR F 30 -26.87 -12.03 12.78
CA THR F 30 -25.47 -12.01 13.19
C THR F 30 -24.55 -11.53 12.07
N SER F 31 -24.88 -10.38 11.47
CA SER F 31 -24.09 -9.84 10.37
C SER F 31 -23.82 -8.35 10.45
N TYR F 32 -24.61 -7.58 11.18
CA TYR F 32 -24.44 -6.14 11.27
C TYR F 32 -24.55 -5.71 12.73
N ASN F 33 -23.79 -4.69 13.09
CA ASN F 33 -23.87 -4.15 14.44
C ASN F 33 -25.25 -3.55 14.71
N ILE F 34 -25.71 -3.72 15.93
CA ILE F 34 -26.97 -3.14 16.36
C ILE F 34 -26.62 -1.91 17.19
N ASN F 35 -27.03 -0.75 16.71
CA ASN F 35 -26.72 0.53 17.34
C ASN F 35 -27.87 0.96 18.25
N TRP F 36 -27.56 1.87 19.17
CA TRP F 36 -28.56 2.49 20.01
C TRP F 36 -28.30 3.99 20.02
N VAL F 37 -29.33 4.78 19.71
CA VAL F 37 -29.22 6.23 19.63
C VAL F 37 -30.25 6.84 20.55
N ARG F 38 -29.81 7.76 21.40
CA ARG F 38 -30.68 8.44 22.35
C ARG F 38 -30.98 9.85 21.87
N GLN F 39 -32.17 10.33 22.18
CA GLN F 39 -32.57 11.69 21.82
C GLN F 39 -33.50 12.21 22.90
N ALA F 40 -33.01 13.13 23.73
CA ALA F 40 -33.87 13.82 24.68
C ALA F 40 -34.84 14.71 23.93
N THR F 41 -36.05 14.82 24.47
CA THR F 41 -37.08 15.65 23.86
C THR F 41 -36.63 17.11 23.85
N GLY F 42 -36.41 17.67 22.66
CA GLY F 42 -35.86 18.99 22.52
C GLY F 42 -34.36 19.02 22.32
N GLN F 43 -33.71 17.87 22.23
CA GLN F 43 -32.28 17.77 22.01
C GLN F 43 -32.00 16.96 20.75
N GLY F 44 -30.73 16.89 20.37
CA GLY F 44 -30.31 16.21 19.17
C GLY F 44 -30.01 14.73 19.41
N LEU F 45 -29.56 14.08 18.36
CA LEU F 45 -29.25 12.66 18.41
C LEU F 45 -27.95 12.44 19.17
N GLU F 46 -27.83 11.25 19.77
CA GLU F 46 -26.65 10.91 20.56
C GLU F 46 -26.42 9.41 20.49
N TRP F 47 -25.25 9.01 20.01
CA TRP F 47 -24.92 7.60 19.87
C TRP F 47 -24.61 7.00 21.25
N MET F 48 -25.20 5.85 21.54
CA MET F 48 -25.01 5.19 22.82
C MET F 48 -23.99 4.06 22.77
N GLY F 49 -23.95 3.31 21.68
CA GLY F 49 -23.02 2.21 21.54
C GLY F 49 -23.59 1.14 20.64
N TRP F 50 -22.68 0.43 19.97
CA TRP F 50 -23.11 -0.69 19.14
C TRP F 50 -22.83 -1.99 19.89
N MET F 51 -23.22 -3.10 19.26
CA MET F 51 -23.01 -4.42 19.84
C MET F 51 -22.99 -5.42 18.69
N ASN F 52 -21.90 -6.17 18.57
CA ASN F 52 -21.80 -7.17 17.52
C ASN F 52 -22.62 -8.39 17.92
N PRO F 53 -23.67 -8.72 17.18
CA PRO F 53 -24.51 -9.85 17.57
C PRO F 53 -23.97 -11.17 17.08
N THR F 54 -22.66 -11.37 17.23
CA THR F 54 -22.02 -12.64 16.92
C THR F 54 -20.99 -13.05 17.96
N ASP F 55 -20.41 -12.10 18.69
CA ASP F 55 -19.49 -12.41 19.77
C ASP F 55 -19.85 -11.70 21.06
N GLY F 56 -20.90 -10.89 21.08
CA GLY F 56 -21.23 -10.09 22.24
C GLY F 56 -20.36 -8.87 22.41
N ASN F 57 -19.50 -8.57 21.44
CA ASN F 57 -18.62 -7.42 21.56
C ASN F 57 -19.42 -6.13 21.48
N THR F 58 -19.15 -5.21 22.39
CA THR F 58 -19.85 -3.94 22.45
C THR F 58 -18.82 -2.82 22.65
N ASP F 59 -19.24 -1.60 22.32
CA ASP F 59 -18.35 -0.45 22.43
C ASP F 59 -19.23 0.76 22.75
N TYR F 60 -19.20 1.18 24.02
CA TYR F 60 -20.04 2.26 24.50
C TYR F 60 -19.35 3.61 24.33
N ALA F 61 -20.16 4.65 24.24
CA ALA F 61 -19.61 6.01 24.26
C ALA F 61 -19.08 6.32 25.65
N GLN F 62 -18.14 7.25 25.72
CA GLN F 62 -17.52 7.58 26.99
C GLN F 62 -18.38 8.56 27.79
N LYS F 63 -19.66 8.23 27.91
CA LYS F 63 -20.58 8.93 28.79
C LYS F 63 -21.52 8.00 29.52
N PHE F 64 -21.78 6.82 28.98
CA PHE F 64 -22.67 5.84 29.58
C PHE F 64 -21.91 4.61 30.06
N GLN F 65 -20.60 4.59 29.89
CA GLN F 65 -19.75 3.46 30.27
C GLN F 65 -19.90 3.21 31.75
N GLY F 66 -20.48 2.06 32.11
CA GLY F 66 -20.81 1.76 33.49
C GLY F 66 -22.28 1.87 33.81
N ARG F 67 -23.12 2.32 32.88
CA ARG F 67 -24.56 2.43 33.11
C ARG F 67 -25.37 1.69 32.06
N VAL F 68 -24.73 1.12 31.04
CA VAL F 68 -25.44 0.50 29.92
C VAL F 68 -24.85 -0.87 29.66
N SER F 69 -25.71 -1.84 29.41
CA SER F 69 -25.30 -3.18 29.03
C SER F 69 -26.15 -3.62 27.84
N MET F 70 -25.49 -3.92 26.73
CA MET F 70 -26.17 -4.35 25.51
C MET F 70 -25.92 -5.83 25.32
N THR F 71 -26.99 -6.63 25.35
CA THR F 71 -26.92 -8.06 25.19
C THR F 71 -27.59 -8.48 23.87
N ARG F 72 -27.65 -9.79 23.65
CA ARG F 72 -28.19 -10.34 22.42
C ARG F 72 -28.83 -11.68 22.69
N ASP F 73 -29.80 -12.03 21.84
CA ASP F 73 -30.45 -13.34 21.86
C ASP F 73 -30.61 -13.78 20.41
N THR F 74 -29.61 -14.49 19.89
CA THR F 74 -29.60 -14.89 18.49
C THR F 74 -30.67 -15.94 18.15
N SER F 75 -31.15 -16.68 19.16
CA SER F 75 -32.20 -17.66 18.90
C SER F 75 -33.49 -16.99 18.47
N ILE F 76 -33.83 -15.86 19.10
CA ILE F 76 -35.05 -15.12 18.77
C ILE F 76 -34.76 -13.87 17.98
N SER F 77 -33.49 -13.59 17.66
CA SER F 77 -33.08 -12.43 16.88
C SER F 77 -33.60 -11.13 17.51
N THR F 78 -33.31 -11.00 18.81
CA THR F 78 -33.72 -9.81 19.56
C THR F 78 -32.49 -9.22 20.23
N ALA F 79 -32.22 -7.96 19.94
CA ALA F 79 -31.17 -7.21 20.62
C ALA F 79 -31.75 -6.49 21.82
N TYR F 80 -30.91 -6.23 22.81
CA TYR F 80 -31.36 -5.65 24.07
C TYR F 80 -30.45 -4.49 24.46
N MET F 81 -31.02 -3.56 25.20
CA MET F 81 -30.27 -2.52 25.88
C MET F 81 -30.81 -2.35 27.29
N GLU F 82 -29.87 -2.22 28.24
CA GLU F 82 -30.22 -1.97 29.62
C GLU F 82 -29.56 -0.69 30.07
N LEU F 83 -30.30 0.13 30.82
CA LEU F 83 -29.80 1.38 31.33
C LEU F 83 -30.13 1.47 32.80
N SER F 84 -29.11 1.40 33.65
CA SER F 84 -29.26 1.42 35.09
C SER F 84 -28.88 2.80 35.62
N SER F 85 -29.24 3.04 36.89
CA SER F 85 -28.99 4.31 37.56
C SER F 85 -29.59 5.47 36.76
N LEU F 86 -30.88 5.36 36.50
CA LEU F 86 -31.58 6.35 35.68
C LEU F 86 -31.65 7.68 36.42
N ARG F 87 -31.01 8.70 35.85
CA ARG F 87 -31.02 10.04 36.39
C ARG F 87 -32.26 10.77 35.89
N SER F 88 -32.40 12.04 36.28
CA SER F 88 -33.52 12.83 35.79
C SER F 88 -33.39 13.14 34.30
N GLU F 89 -32.18 13.39 33.83
CA GLU F 89 -31.94 13.69 32.42
C GLU F 89 -31.80 12.41 31.60
N ASP F 90 -32.79 11.52 31.72
CA ASP F 90 -32.83 10.30 30.93
C ASP F 90 -34.17 10.08 30.25
N THR F 91 -35.14 10.96 30.45
CA THR F 91 -36.40 10.92 29.72
C THR F 91 -36.11 11.21 28.26
N ALA F 92 -36.15 10.19 27.42
CA ALA F 92 -35.75 10.35 26.03
C ALA F 92 -36.34 9.20 25.20
N VAL F 93 -36.29 9.38 23.89
CA VAL F 93 -36.68 8.34 22.95
C VAL F 93 -35.43 7.59 22.53
N TYR F 94 -35.46 6.27 22.66
CA TYR F 94 -34.30 5.42 22.41
C TYR F 94 -34.54 4.67 21.11
N TYR F 95 -33.58 4.75 20.20
CA TYR F 95 -33.71 4.23 18.85
C TYR F 95 -32.80 3.03 18.64
N CYS F 96 -33.31 2.05 17.90
CA CYS F 96 -32.55 0.90 17.46
C CYS F 96 -32.24 1.03 15.98
N ALA F 97 -30.99 0.80 15.60
CA ALA F 97 -30.60 1.01 14.21
C ALA F 97 -29.58 -0.04 13.80
N ARG F 98 -29.50 -0.27 12.50
CA ARG F 98 -28.57 -1.23 11.91
C ARG F 98 -27.49 -0.45 11.17
N GLY F 99 -26.24 -0.65 11.59
CA GLY F 99 -25.13 0.07 10.99
C GLY F 99 -24.38 -0.77 9.97
N ARG F 100 -23.81 -0.09 8.97
CA ARG F 100 -23.06 -0.74 7.91
C ARG F 100 -21.73 -0.02 7.73
N GLY F 101 -20.64 -0.77 7.81
CA GLY F 101 -19.32 -0.19 7.63
C GLY F 101 -18.25 -0.81 8.50
N THR F 102 -17.20 -0.05 8.81
CA THR F 102 -16.14 -0.53 9.66
C THR F 102 -16.62 -0.69 11.09
N THR F 103 -16.17 -1.77 11.75
CA THR F 103 -16.54 -2.05 13.12
C THR F 103 -15.37 -1.89 14.09
N ARG F 104 -14.13 -1.95 13.60
CA ARG F 104 -12.96 -1.76 14.44
C ARG F 104 -12.88 -0.28 14.81
N PHE F 105 -13.00 0.00 16.10
CA PHE F 105 -12.79 1.35 16.61
C PHE F 105 -11.88 1.29 17.84
N SER F 106 -10.89 2.17 17.86
CA SER F 106 -10.08 2.41 19.05
C SER F 106 -9.50 3.82 18.93
N LEU F 107 -8.76 4.23 19.97
CA LEU F 107 -8.22 5.59 19.98
C LEU F 107 -7.27 5.81 18.81
N GLN F 108 -6.30 4.93 18.63
CA GLN F 108 -5.38 5.03 17.49
C GLN F 108 -5.10 3.63 16.94
N ASN F 109 -5.95 3.18 16.01
CA ASN F 109 -5.62 2.01 15.22
C ASN F 109 -5.91 2.22 13.74
N PHE F 110 -6.95 3.03 13.44
CA PHE F 110 -7.39 3.24 12.06
C PHE F 110 -7.80 4.70 11.90
N PRO F 111 -6.84 5.62 11.94
CA PRO F 111 -7.21 7.05 11.94
C PRO F 111 -7.39 7.65 10.56
N PHE F 112 -8.09 6.96 9.66
CA PHE F 112 -8.38 7.50 8.34
C PHE F 112 -9.26 6.51 7.58
N ASP F 113 -10.04 7.03 6.63
CA ASP F 113 -10.86 6.24 5.71
C ASP F 113 -11.77 5.27 6.47
N ASN F 114 -12.62 5.82 7.32
CA ASN F 114 -13.55 5.05 8.12
C ASN F 114 -14.97 5.49 7.79
N ALA F 115 -15.73 4.60 7.15
CA ALA F 115 -17.11 4.86 6.77
C ALA F 115 -18.02 3.91 7.52
N TYR F 116 -19.04 4.47 8.18
CA TYR F 116 -20.01 3.67 8.92
C TYR F 116 -21.27 4.50 9.08
N TYR F 117 -22.39 4.00 8.58
CA TYR F 117 -23.66 4.71 8.65
C TYR F 117 -24.76 3.76 9.11
N MET F 118 -25.82 4.34 9.63
CA MET F 118 -26.98 3.60 10.12
C MET F 118 -28.00 3.52 8.99
N ASP F 119 -28.20 2.31 8.48
CA ASP F 119 -29.02 2.10 7.28
C ASP F 119 -30.51 2.08 7.59
N VAL F 120 -30.92 1.17 8.47
CA VAL F 120 -32.33 0.97 8.81
C VAL F 120 -32.52 1.23 10.29
N TRP F 121 -33.47 2.09 10.61
CA TRP F 121 -33.74 2.51 11.98
C TRP F 121 -34.96 1.79 12.54
N GLY F 122 -35.13 1.91 13.84
CA GLY F 122 -36.32 1.43 14.51
C GLY F 122 -37.41 2.48 14.48
N LYS F 123 -38.34 2.38 15.42
CA LYS F 123 -39.40 3.37 15.55
C LYS F 123 -39.28 4.21 16.81
N GLY F 124 -38.42 3.84 17.74
CA GLY F 124 -38.22 4.61 18.95
C GLY F 124 -38.98 4.04 20.12
N THR F 125 -38.44 4.26 21.32
CA THR F 125 -39.06 3.81 22.56
C THR F 125 -38.95 4.94 23.57
N THR F 126 -40.09 5.55 23.91
CA THR F 126 -40.10 6.67 24.84
C THR F 126 -40.01 6.13 26.27
N VAL F 127 -38.88 6.34 26.91
CA VAL F 127 -38.65 5.92 28.28
C VAL F 127 -38.58 7.18 29.13
N THR F 128 -39.61 7.39 29.94
CA THR F 128 -39.68 8.55 30.82
C THR F 128 -39.41 8.15 32.27
N VAL F 129 -38.72 9.04 32.98
CA VAL F 129 -38.32 8.79 34.36
C VAL F 129 -38.76 9.98 35.21
N SER F 130 -39.34 9.69 36.37
CA SER F 130 -39.84 10.72 37.27
C SER F 130 -40.29 10.10 38.58
#